data_7WPZ
#
_entry.id   7WPZ
#
_cell.length_a   1.00
_cell.length_b   1.00
_cell.length_c   1.00
_cell.angle_alpha   90.00
_cell.angle_beta   90.00
_cell.angle_gamma   90.00
#
_symmetry.space_group_name_H-M   'P 1'
#
loop_
_entity.id
_entity.type
_entity.pdbx_description
1 polymer 'Angiotensin-converting enzyme'
2 polymer 'Spike glycoprotein'
3 branched 2-acetamido-2-deoxy-beta-D-glucopyranose-(1-4)-2-acetamido-2-deoxy-beta-D-glucopyranose
4 branched alpha-D-mannopyranose-(1-3)-[alpha-D-mannopyranose-(1-6)]beta-D-mannopyranose-(1-4)-2-acetamido-2-deoxy-beta-D-glucopyranose-(1-4)-2-acetamido-2-deoxy-beta-D-glucopyranose
5 non-polymer 2-acetamido-2-deoxy-beta-D-glucopyranose
#
loop_
_entity_poly.entity_id
_entity_poly.type
_entity_poly.pdbx_seq_one_letter_code
_entity_poly.pdbx_strand_id
1 'polypeptide(L)'
;TTEEEARDFLDKFNSEAENLSHESALASWDYNTNITDENAQKMNEADSKWSDFYKEQSKRAQAFPLQEIQNLTIKLQLQI
LQQNGSSVLTAEKSKRLSTILTTMSTIYSTGKVCNPNNPQQCFTLSGLEDIMEKSKDYHQRLWVWEGWRSEVGKQLRPLY
EEYVVLKNEMARGNNYEDYGDYWRGDYETEGEDGYNYSRNQLMEDVDRIFLEIKPLYEQLHAYVRAKLMNAYPSRISPTG
CLPAHLLGDMWGRFWTNLYNLTVPFEQKQNIDVTETMKKQSWDAEKIFKEAEKFYLSVGLYSMTQGFWNNSMLTEPSDGR
QVVCHPTAWDLGEDDFRIKMCTKVTMDDFLTAHHEMGHIQYDMAYAKQPYLLRNGANEGFHEAVGEVMSLSVATPKHLKG
MGLLPSDFSEDNETEINFLLKQALNIVGTLPFTYMLEKWRWMVFEGKIPKEQWMEKWWEMKREIVGVVEPLPHDETYCDP
ASLFHVANDYSFIRYFTRTILEFQFQEALCKIAKHEGPLHKCDISNSTEAGKKLKDMLELGKSKPWTYALNQIARTKEMD
AKPLLNYFEPLFSWLKKQNGNSVGWSADWSPYSEQ
;
A
2 'polypeptide(L)'
;AHVYPDCNFTDLFRENAPTIMQYKRQVFTRCNYNLTLLLSLVQVDEFVCDKITPEALATGCYSSLTVDWFAFPYAWKSYL
AIGSADRIVRFNYNQDYSNPSCRIHSKVNSSVGISYSGLYSYITNCNYGGFNKDDVVKPGGRASQPCVTGALNSPTNGQV
WSFNFGGVPYRTSRLTYTDHLKNPLDMVYVITVKYEPGAETVCP
;
B
#
# COMPACT_ATOMS: atom_id res chain seq x y z
N THR A 1 -9.14 7.70 -46.16
CA THR A 1 -9.78 6.64 -45.38
C THR A 1 -8.85 6.02 -44.29
N THR A 2 -7.61 6.55 -44.17
CA THR A 2 -6.61 6.09 -43.18
C THR A 2 -7.10 6.27 -41.76
N GLU A 3 -7.72 7.42 -41.50
CA GLU A 3 -8.25 7.70 -40.18
C GLU A 3 -9.39 6.75 -39.82
N GLU A 4 -10.24 6.45 -40.79
CA GLU A 4 -11.38 5.58 -40.55
C GLU A 4 -10.91 4.16 -40.21
N GLU A 5 -9.92 3.68 -40.96
CA GLU A 5 -9.37 2.36 -40.70
C GLU A 5 -8.65 2.34 -39.36
N ALA A 6 -7.96 3.43 -39.03
CA ALA A 6 -7.25 3.55 -37.77
C ALA A 6 -8.22 3.48 -36.60
N ARG A 7 -9.40 4.08 -36.77
CA ARG A 7 -10.40 4.06 -35.72
C ARG A 7 -10.87 2.64 -35.47
N ASP A 8 -11.14 1.88 -36.54
CA ASP A 8 -11.58 0.50 -36.39
C ASP A 8 -10.48 -0.32 -35.71
N PHE A 9 -9.24 -0.07 -36.09
CA PHE A 9 -8.10 -0.73 -35.50
C PHE A 9 -8.02 -0.49 -34.00
N LEU A 10 -8.12 0.79 -33.61
CA LEU A 10 -8.01 1.12 -32.20
C LEU A 10 -9.16 0.54 -31.38
N ASP A 11 -10.38 0.52 -31.92
CA ASP A 11 -11.48 -0.06 -31.17
C ASP A 11 -11.25 -1.55 -30.92
N LYS A 12 -10.70 -2.24 -31.91
CA LYS A 12 -10.41 -3.67 -31.74
C LYS A 12 -9.29 -3.87 -30.74
N PHE A 13 -8.25 -3.02 -30.81
CA PHE A 13 -7.15 -3.10 -29.87
C PHE A 13 -7.63 -2.92 -28.46
N ASN A 14 -8.42 -1.87 -28.24
CA ASN A 14 -8.86 -1.48 -26.92
C ASN A 14 -9.72 -2.57 -26.29
N SER A 15 -10.55 -3.22 -27.10
CA SER A 15 -11.42 -4.28 -26.58
C SER A 15 -10.60 -5.47 -26.10
N GLU A 16 -9.66 -5.91 -26.92
CA GLU A 16 -8.85 -7.07 -26.57
C GLU A 16 -7.88 -6.72 -25.45
N ALA A 17 -7.36 -5.50 -25.46
CA ALA A 17 -6.41 -5.04 -24.46
C ALA A 17 -7.04 -5.07 -23.08
N GLU A 18 -8.33 -4.72 -23.00
CA GLU A 18 -9.03 -4.72 -21.73
C GLU A 18 -9.19 -6.13 -21.20
N ASN A 19 -9.50 -7.08 -22.09
CA ASN A 19 -9.66 -8.47 -21.65
C ASN A 19 -8.34 -9.07 -21.18
N LEU A 20 -7.25 -8.77 -21.90
CA LEU A 20 -5.95 -9.26 -21.52
C LEU A 20 -5.42 -8.57 -20.27
N SER A 21 -5.73 -7.28 -20.13
CA SER A 21 -5.32 -6.52 -18.97
C SER A 21 -5.98 -7.11 -17.74
N HIS A 22 -7.26 -7.46 -17.86
CA HIS A 22 -8.01 -8.05 -16.76
C HIS A 22 -7.36 -9.36 -16.32
N GLU A 23 -7.02 -10.23 -17.27
CA GLU A 23 -6.42 -11.51 -16.91
C GLU A 23 -5.09 -11.32 -16.18
N SER A 24 -4.25 -10.43 -16.68
CA SER A 24 -2.95 -10.19 -16.06
C SER A 24 -3.08 -9.52 -14.69
N ALA A 25 -3.90 -8.47 -14.62
CA ALA A 25 -4.09 -7.73 -13.38
C ALA A 25 -4.67 -8.62 -12.31
N LEU A 26 -5.59 -9.51 -12.70
CA LEU A 26 -6.20 -10.42 -11.75
C LEU A 26 -5.19 -11.44 -11.27
N ALA A 27 -4.41 -12.01 -12.18
CA ALA A 27 -3.43 -13.00 -11.77
C ALA A 27 -2.42 -12.39 -10.81
N SER A 28 -2.03 -11.14 -11.08
CA SER A 28 -1.08 -10.45 -10.23
C SER A 28 -1.69 -10.19 -8.85
N TRP A 29 -2.91 -9.68 -8.83
CA TRP A 29 -3.61 -9.41 -7.54
C TRP A 29 -3.68 -10.71 -6.73
N ASP A 30 -4.16 -11.80 -7.34
CA ASP A 30 -4.33 -13.06 -6.62
C ASP A 30 -3.02 -13.54 -6.05
N TYR A 31 -1.94 -13.40 -6.81
CA TYR A 31 -0.64 -13.78 -6.29
C TYR A 31 -0.27 -12.95 -5.07
N ASN A 32 -0.40 -11.63 -5.15
CA ASN A 32 0.03 -10.78 -4.03
C ASN A 32 -0.75 -11.06 -2.74
N THR A 33 -2.00 -11.49 -2.86
CA THR A 33 -2.80 -11.83 -1.67
C THR A 33 -2.80 -13.34 -1.31
N ASN A 34 -2.04 -14.15 -2.08
CA ASN A 34 -1.96 -15.63 -1.88
C ASN A 34 -0.66 -16.11 -2.52
N ILE A 35 0.46 -16.05 -1.77
CA ILE A 35 1.80 -16.41 -2.29
C ILE A 35 2.03 -17.91 -2.26
N THR A 36 1.94 -18.50 -3.46
CA THR A 36 2.09 -19.93 -3.66
C THR A 36 2.85 -20.12 -4.98
N ASP A 37 3.66 -21.18 -5.07
CA ASP A 37 4.44 -21.48 -6.26
C ASP A 37 3.55 -21.71 -7.49
N GLU A 38 2.30 -22.08 -7.24
CA GLU A 38 1.28 -22.30 -8.27
C GLU A 38 0.80 -20.98 -8.90
N ASN A 39 0.75 -19.89 -8.12
CA ASN A 39 0.30 -18.61 -8.65
C ASN A 39 1.46 -17.92 -9.34
N ALA A 40 2.67 -18.17 -8.85
CA ALA A 40 3.86 -17.49 -9.41
C ALA A 40 3.86 -17.53 -10.94
N GLN A 41 4.10 -18.72 -11.52
CA GLN A 41 4.19 -18.84 -13.01
C GLN A 41 2.89 -18.36 -13.64
N LYS A 42 1.74 -18.63 -13.00
CA LYS A 42 0.42 -18.26 -13.58
C LYS A 42 0.42 -16.77 -13.96
N MET A 43 0.88 -15.91 -13.05
CA MET A 43 0.84 -14.44 -13.29
C MET A 43 1.70 -14.08 -14.50
N ASN A 44 2.92 -14.62 -14.60
CA ASN A 44 3.84 -14.27 -15.70
C ASN A 44 3.20 -14.62 -17.05
N GLU A 45 2.70 -15.85 -17.19
CA GLU A 45 2.11 -16.28 -18.45
C GLU A 45 1.04 -15.32 -18.88
N ALA A 46 0.23 -14.84 -17.93
CA ALA A 46 -0.81 -13.87 -18.23
C ALA A 46 -0.18 -12.56 -18.72
N ASP A 47 0.95 -12.17 -18.13
CA ASP A 47 1.63 -10.95 -18.51
C ASP A 47 2.19 -11.09 -19.93
N SER A 48 2.72 -12.26 -20.25
CA SER A 48 3.26 -12.51 -21.58
C SER A 48 2.17 -12.45 -22.63
N LYS A 49 0.99 -12.99 -22.33
CA LYS A 49 -0.09 -12.93 -23.30
C LYS A 49 -0.34 -11.48 -23.73
N TRP A 50 -0.42 -10.59 -22.74
CA TRP A 50 -0.61 -9.14 -23.05
C TRP A 50 0.57 -8.62 -23.87
N SER A 51 1.79 -8.95 -23.47
CA SER A 51 2.99 -8.44 -24.15
C SER A 51 3.05 -8.86 -25.62
N ASP A 52 2.78 -10.13 -25.91
CA ASP A 52 2.83 -10.61 -27.29
C ASP A 52 1.79 -9.87 -28.13
N PHE A 53 0.62 -9.66 -27.52
CA PHE A 53 -0.46 -8.91 -28.13
C PHE A 53 -0.07 -7.47 -28.42
N TYR A 54 0.49 -6.79 -27.43
CA TYR A 54 0.85 -5.38 -27.56
C TYR A 54 1.82 -5.17 -28.71
N LYS A 55 2.82 -6.03 -28.85
CA LYS A 55 3.80 -5.90 -29.93
C LYS A 55 3.21 -6.23 -31.31
N GLU A 56 2.35 -7.23 -31.42
CA GLU A 56 1.72 -7.50 -32.72
C GLU A 56 0.87 -6.30 -33.12
N GLN A 57 0.18 -5.71 -32.15
CA GLN A 57 -0.67 -4.57 -32.40
C GLN A 57 0.15 -3.32 -32.68
N SER A 58 1.36 -3.27 -32.13
CA SER A 58 2.24 -2.14 -32.42
C SER A 58 2.58 -2.12 -33.90
N LYS A 59 2.92 -3.28 -34.45
CA LYS A 59 3.25 -3.37 -35.87
C LYS A 59 2.07 -2.93 -36.72
N ARG A 60 0.87 -3.33 -36.30
CA ARG A 60 -0.37 -2.96 -36.99
C ARG A 60 -0.64 -1.47 -36.90
N ALA A 61 -0.34 -0.88 -35.76
CA ALA A 61 -0.57 0.54 -35.52
C ALA A 61 0.24 1.40 -36.49
N GLN A 62 1.43 0.92 -36.84
CA GLN A 62 2.34 1.66 -37.70
C GLN A 62 1.84 1.76 -39.15
N ALA A 63 0.75 1.08 -39.46
CA ALA A 63 0.12 1.12 -40.77
C ALA A 63 -0.81 2.33 -40.89
N PHE A 64 -0.90 3.12 -39.83
CA PHE A 64 -1.79 4.28 -39.78
C PHE A 64 -1.02 5.56 -39.44
N PRO A 65 -0.29 6.18 -40.38
CA PRO A 65 0.63 7.27 -40.14
C PRO A 65 -0.08 8.48 -39.55
N LEU A 66 0.60 9.12 -38.60
CA LEU A 66 0.06 10.24 -37.85
C LEU A 66 -0.04 11.52 -38.65
N GLN A 67 0.76 11.63 -39.72
CA GLN A 67 0.73 12.81 -40.57
C GLN A 67 -0.58 12.92 -41.36
N GLU A 68 -1.12 11.78 -41.79
CA GLU A 68 -2.34 11.76 -42.57
C GLU A 68 -3.59 11.89 -41.72
N ILE A 69 -3.54 11.33 -40.53
CA ILE A 69 -4.68 11.35 -39.61
C ILE A 69 -4.87 12.75 -39.04
N GLN A 70 -6.11 13.23 -39.02
CA GLN A 70 -6.35 14.60 -38.54
C GLN A 70 -6.93 14.67 -37.11
N ASN A 71 -7.78 13.67 -36.76
CA ASN A 71 -8.43 13.63 -35.42
C ASN A 71 -7.40 13.29 -34.34
N LEU A 72 -7.18 14.27 -33.41
CA LEU A 72 -6.17 14.17 -32.35
C LEU A 72 -6.40 12.96 -31.44
N THR A 73 -7.66 12.58 -31.25
CA THR A 73 -7.93 11.43 -30.38
C THR A 73 -7.29 10.17 -30.94
N ILE A 74 -7.37 10.03 -32.26
CA ILE A 74 -6.86 8.86 -32.97
C ILE A 74 -5.33 8.93 -32.96
N LYS A 75 -4.79 10.12 -33.22
CA LYS A 75 -3.35 10.29 -33.25
C LYS A 75 -2.70 9.95 -31.91
N LEU A 76 -3.32 10.35 -30.82
CA LEU A 76 -2.74 10.08 -29.50
C LEU A 76 -2.71 8.60 -29.19
N GLN A 77 -3.78 7.89 -29.49
CA GLN A 77 -3.78 6.46 -29.22
C GLN A 77 -2.80 5.73 -30.12
N LEU A 78 -2.72 6.12 -31.38
CA LEU A 78 -1.78 5.46 -32.27
C LEU A 78 -0.36 5.78 -31.85
N GLN A 79 -0.11 7.03 -31.44
CA GLN A 79 1.24 7.47 -31.04
C GLN A 79 1.76 6.61 -29.90
N ILE A 80 0.87 6.22 -28.98
CA ILE A 80 1.25 5.35 -27.87
C ILE A 80 1.69 3.98 -28.39
N LEU A 81 0.91 3.43 -29.33
CA LEU A 81 1.23 2.12 -29.92
C LEU A 81 2.41 2.15 -30.89
N GLN A 82 2.60 3.27 -31.59
CA GLN A 82 3.65 3.39 -32.59
C GLN A 82 4.99 3.76 -31.98
N GLN A 83 5.52 2.85 -31.17
CA GLN A 83 6.81 3.01 -30.52
C GLN A 83 7.57 1.69 -30.60
N ASN A 84 8.80 1.70 -31.16
CA ASN A 84 9.60 0.50 -31.31
C ASN A 84 10.32 0.09 -30.00
N GLY A 85 10.69 1.11 -29.18
CA GLY A 85 11.38 0.90 -27.90
C GLY A 85 12.74 0.24 -28.12
N SER A 86 12.95 -0.90 -27.48
CA SER A 86 14.20 -1.63 -27.61
C SER A 86 14.34 -2.28 -28.98
N SER A 87 13.24 -2.36 -29.73
CA SER A 87 13.27 -3.00 -31.06
C SER A 87 13.74 -2.03 -32.14
N VAL A 88 14.89 -1.44 -31.87
CA VAL A 88 15.60 -0.56 -32.79
C VAL A 88 17.03 -0.98 -32.73
N LEU A 89 17.29 -1.83 -31.74
CA LEU A 89 18.60 -2.35 -31.44
C LEU A 89 18.77 -3.71 -32.06
N THR A 90 20.01 -4.11 -32.28
CA THR A 90 20.31 -5.43 -32.79
C THR A 90 20.04 -6.43 -31.69
N ALA A 91 19.99 -7.72 -32.04
CA ALA A 91 19.71 -8.72 -31.03
C ALA A 91 20.73 -8.70 -29.91
N GLU A 92 21.99 -8.45 -30.26
CA GLU A 92 23.05 -8.45 -29.27
C GLU A 92 22.94 -7.27 -28.31
N LYS A 93 22.64 -6.09 -28.85
CA LYS A 93 22.50 -4.90 -28.01
C LYS A 93 21.25 -4.94 -27.16
N SER A 94 20.17 -5.49 -27.71
CA SER A 94 18.92 -5.59 -26.97
C SER A 94 19.07 -6.54 -25.78
N LYS A 95 19.67 -7.70 -26.04
CA LYS A 95 19.92 -8.69 -25.01
C LYS A 95 20.92 -8.18 -23.99
N ARG A 96 21.93 -7.45 -24.45
CA ARG A 96 22.94 -6.91 -23.55
C ARG A 96 22.35 -5.87 -22.62
N LEU A 97 21.48 -5.02 -23.14
CA LEU A 97 20.86 -3.99 -22.33
C LEU A 97 19.96 -4.62 -21.26
N SER A 98 19.23 -5.67 -21.63
CA SER A 98 18.38 -6.37 -20.66
C SER A 98 19.21 -7.02 -19.58
N THR A 99 20.35 -7.58 -19.95
CA THR A 99 21.27 -8.20 -19.00
C THR A 99 21.80 -7.18 -18.00
N ILE A 100 22.19 -6.01 -18.51
CA ILE A 100 22.70 -4.95 -17.65
C ILE A 100 21.64 -4.47 -16.69
N LEU A 101 20.41 -4.28 -17.16
CA LEU A 101 19.35 -3.83 -16.28
C LEU A 101 19.13 -4.82 -15.14
N THR A 102 19.11 -6.11 -15.47
CA THR A 102 18.93 -7.13 -14.44
C THR A 102 20.08 -7.11 -13.44
N THR A 103 21.31 -7.00 -13.95
CA THR A 103 22.49 -7.00 -13.11
C THR A 103 22.54 -5.81 -12.17
N MET A 104 22.26 -4.62 -12.69
CA MET A 104 22.32 -3.39 -11.85
C MET A 104 21.27 -3.50 -10.74
N SER A 105 20.07 -3.98 -11.08
CA SER A 105 18.99 -4.12 -10.10
C SER A 105 19.42 -5.07 -9.00
N THR A 106 20.01 -6.20 -9.39
CA THR A 106 20.44 -7.22 -8.45
C THR A 106 21.51 -6.69 -7.50
N ILE A 107 22.48 -5.95 -8.03
CA ILE A 107 23.55 -5.44 -7.18
C ILE A 107 22.99 -4.55 -6.08
N TYR A 108 22.07 -3.65 -6.43
CA TYR A 108 21.44 -2.82 -5.41
C TYR A 108 20.67 -3.66 -4.38
N SER A 109 19.77 -4.53 -4.88
CA SER A 109 18.84 -5.26 -4.02
C SER A 109 19.51 -6.22 -3.03
N THR A 110 20.61 -6.85 -3.45
CA THR A 110 21.27 -7.84 -2.61
C THR A 110 22.51 -7.27 -1.93
N GLY A 111 22.70 -5.96 -2.02
CA GLY A 111 23.87 -5.33 -1.45
C GLY A 111 23.84 -5.35 0.08
N LYS A 112 25.03 -5.41 0.68
CA LYS A 112 25.20 -5.39 2.13
C LYS A 112 26.47 -4.62 2.48
N VAL A 113 26.53 -4.12 3.70
CA VAL A 113 27.73 -3.44 4.20
C VAL A 113 28.15 -4.01 5.55
N CYS A 114 29.44 -4.39 5.69
CA CYS A 114 29.97 -5.00 6.87
C CYS A 114 30.73 -3.96 7.74
N ASN A 115 30.77 -4.20 9.03
CA ASN A 115 31.38 -3.27 9.98
C ASN A 115 32.91 -3.37 9.95
N PRO A 116 33.63 -2.31 9.54
CA PRO A 116 35.07 -2.28 9.36
C PRO A 116 35.82 -2.42 10.69
N ASN A 117 35.12 -2.22 11.80
CA ASN A 117 35.75 -2.31 13.11
C ASN A 117 35.41 -3.63 13.80
N ASN A 118 34.65 -4.48 13.11
CA ASN A 118 34.22 -5.77 13.65
C ASN A 118 33.55 -6.59 12.56
N PRO A 119 34.31 -7.41 11.81
CA PRO A 119 33.88 -8.23 10.69
C PRO A 119 32.73 -9.16 11.00
N GLN A 120 32.50 -9.43 12.29
CA GLN A 120 31.42 -10.33 12.69
C GLN A 120 30.05 -9.71 12.40
N GLN A 121 29.97 -8.38 12.48
CA GLN A 121 28.71 -7.68 12.29
C GLN A 121 28.60 -7.17 10.86
N CYS A 122 27.46 -7.45 10.18
CA CYS A 122 27.22 -7.04 8.80
C CYS A 122 25.71 -6.93 8.59
N PHE A 123 25.29 -5.88 7.87
CA PHE A 123 23.87 -5.66 7.63
C PHE A 123 23.54 -5.58 6.16
N THR A 124 22.36 -6.08 5.80
CA THR A 124 21.87 -5.93 4.44
C THR A 124 21.27 -4.55 4.32
N LEU A 125 20.99 -4.11 3.10
CA LEU A 125 20.43 -2.77 2.93
C LEU A 125 19.28 -2.48 3.90
N SER A 126 18.37 -3.41 4.09
CA SER A 126 17.25 -3.13 4.98
C SER A 126 17.73 -2.75 6.38
N GLY A 127 18.82 -3.37 6.83
CA GLY A 127 19.38 -3.08 8.14
C GLY A 127 20.14 -1.75 8.14
N LEU A 128 20.67 -1.37 6.98
CA LEU A 128 21.46 -0.15 6.87
C LEU A 128 20.52 1.05 6.83
N GLU A 129 19.36 0.88 6.21
CA GLU A 129 18.36 1.93 6.17
C GLU A 129 17.84 2.17 7.58
N ASP A 130 17.63 1.08 8.32
CA ASP A 130 17.16 1.15 9.70
C ASP A 130 18.15 1.92 10.56
N ILE A 131 19.44 1.75 10.30
CA ILE A 131 20.45 2.51 11.02
C ILE A 131 20.38 4.00 10.66
N MET A 132 20.29 4.32 9.36
CA MET A 132 20.28 5.73 8.94
C MET A 132 19.10 6.54 9.48
N GLU A 133 17.94 5.92 9.59
CA GLU A 133 16.77 6.64 10.09
C GLU A 133 16.67 6.67 11.63
N LYS A 134 17.57 5.98 12.34
CA LYS A 134 17.48 5.92 13.80
C LYS A 134 18.73 6.35 14.59
N SER A 135 19.93 5.96 14.12
CA SER A 135 21.16 6.19 14.87
C SER A 135 21.55 7.64 15.03
N LYS A 136 22.08 7.97 16.21
CA LYS A 136 22.61 9.31 16.47
C LYS A 136 24.13 9.28 16.60
N ASP A 137 24.73 8.12 16.37
CA ASP A 137 26.18 7.96 16.48
C ASP A 137 26.88 8.34 15.20
N TYR A 138 27.61 9.45 15.23
CA TYR A 138 28.31 9.93 14.06
C TYR A 138 29.12 8.81 13.41
N HIS A 139 29.81 8.00 14.23
CA HIS A 139 30.70 6.97 13.70
C HIS A 139 29.94 5.86 12.99
N GLN A 140 28.89 5.34 13.62
CA GLN A 140 28.14 4.25 12.99
C GLN A 140 27.53 4.72 11.69
N ARG A 141 27.00 5.94 11.71
CA ARG A 141 26.34 6.51 10.54
C ARG A 141 27.32 6.65 9.39
N LEU A 142 28.54 7.04 9.72
CA LEU A 142 29.55 7.23 8.71
C LEU A 142 29.95 5.94 8.02
N TRP A 143 30.24 4.86 8.77
CA TRP A 143 30.69 3.67 8.05
C TRP A 143 29.59 3.00 7.24
N VAL A 144 28.33 3.16 7.64
CA VAL A 144 27.27 2.54 6.85
C VAL A 144 27.06 3.32 5.55
N TRP A 145 27.13 4.64 5.62
CA TRP A 145 26.95 5.46 4.44
C TRP A 145 28.08 5.19 3.45
N GLU A 146 29.33 5.28 3.95
CA GLU A 146 30.51 5.12 3.10
C GLU A 146 30.55 3.73 2.51
N GLY A 147 30.26 2.73 3.34
CA GLY A 147 30.30 1.35 2.91
C GLY A 147 29.31 1.11 1.79
N TRP A 148 28.09 1.60 1.91
CA TRP A 148 27.11 1.38 0.86
C TRP A 148 27.64 1.87 -0.47
N ARG A 149 28.23 3.06 -0.47
CA ARG A 149 28.73 3.60 -1.73
C ARG A 149 29.85 2.75 -2.32
N SER A 150 30.75 2.26 -1.47
CA SER A 150 31.85 1.43 -1.96
C SER A 150 31.39 0.05 -2.42
N GLU A 151 30.46 -0.56 -1.69
CA GLU A 151 30.03 -1.93 -1.98
C GLU A 151 29.20 -2.05 -3.25
N VAL A 152 28.32 -1.09 -3.52
CA VAL A 152 27.52 -1.20 -4.74
C VAL A 152 27.93 -0.21 -5.83
N GLY A 153 28.33 1.01 -5.44
CA GLY A 153 28.61 2.05 -6.42
C GLY A 153 29.73 1.67 -7.37
N LYS A 154 30.72 0.92 -6.88
CA LYS A 154 31.86 0.55 -7.70
C LYS A 154 31.58 -0.69 -8.57
N GLN A 155 30.46 -1.36 -8.33
CA GLN A 155 30.11 -2.50 -9.16
C GLN A 155 29.18 -2.02 -10.25
N LEU A 156 28.42 -0.96 -9.95
CA LEU A 156 27.39 -0.49 -10.92
C LEU A 156 27.97 0.53 -11.91
N ARG A 157 28.99 1.30 -11.50
CA ARG A 157 29.49 2.38 -12.40
C ARG A 157 29.69 1.82 -13.82
N PRO A 158 30.47 0.73 -14.04
CA PRO A 158 30.72 0.23 -15.38
C PRO A 158 29.41 -0.11 -16.09
N LEU A 159 28.51 -0.82 -15.38
CA LEU A 159 27.22 -1.21 -15.99
C LEU A 159 26.46 0.04 -16.42
N TYR A 160 26.37 1.03 -15.54
CA TYR A 160 25.59 2.26 -15.85
C TYR A 160 26.23 2.97 -17.06
N GLU A 161 27.56 3.00 -17.13
CA GLU A 161 28.25 3.67 -18.26
C GLU A 161 27.81 3.03 -19.58
N GLU A 162 27.90 1.70 -19.66
CA GLU A 162 27.45 0.97 -20.88
C GLU A 162 25.93 1.16 -21.03
N TYR A 163 25.20 1.11 -19.91
CA TYR A 163 23.73 1.28 -19.94
C TYR A 163 23.38 2.62 -20.60
N VAL A 164 24.10 3.68 -20.23
CA VAL A 164 23.83 5.03 -20.79
C VAL A 164 23.92 4.95 -22.32
N VAL A 165 25.08 4.54 -22.84
CA VAL A 165 25.25 4.50 -24.29
C VAL A 165 24.14 3.73 -24.99
N LEU A 166 23.80 2.56 -24.46
CA LEU A 166 22.76 1.75 -25.08
C LEU A 166 21.39 2.42 -25.01
N LYS A 167 21.08 3.10 -23.90
CA LYS A 167 19.79 3.77 -23.79
C LYS A 167 19.73 4.93 -24.79
N ASN A 168 20.86 5.61 -25.00
CA ASN A 168 20.89 6.70 -25.97
C ASN A 168 20.72 6.20 -27.39
N GLU A 169 21.36 5.07 -27.74
CA GLU A 169 21.21 4.55 -29.09
C GLU A 169 19.77 4.14 -29.34
N MET A 170 19.14 3.58 -28.30
CA MET A 170 17.75 3.20 -28.41
C MET A 170 16.90 4.42 -28.69
N ALA A 171 17.10 5.48 -27.89
CA ALA A 171 16.34 6.69 -28.07
C ALA A 171 16.51 7.27 -29.47
N ARG A 172 17.73 7.17 -30.02
CA ARG A 172 17.95 7.65 -31.39
C ARG A 172 17.11 6.87 -32.37
N GLY A 173 17.00 5.56 -32.14
CA GLY A 173 16.20 4.67 -32.97
C GLY A 173 14.71 5.05 -32.92
N ASN A 174 14.29 5.69 -31.83
CA ASN A 174 12.92 6.14 -31.65
C ASN A 174 12.73 7.63 -31.98
N ASN A 175 13.72 8.20 -32.67
CA ASN A 175 13.73 9.60 -33.12
C ASN A 175 13.85 10.65 -32.02
N TYR A 176 14.65 10.36 -30.98
CA TYR A 176 14.97 11.34 -29.94
C TYR A 176 16.46 11.62 -29.96
N GLU A 177 16.88 12.78 -29.47
CA GLU A 177 18.29 13.12 -29.50
C GLU A 177 19.11 12.23 -28.56
N ASP A 178 18.51 11.86 -27.44
CA ASP A 178 19.14 11.01 -26.44
C ASP A 178 18.06 10.43 -25.52
N TYR A 179 18.47 9.62 -24.56
CA TYR A 179 17.50 9.04 -23.63
C TYR A 179 16.90 10.06 -22.67
N GLY A 180 17.62 11.15 -22.41
CA GLY A 180 17.09 12.17 -21.51
C GLY A 180 15.89 12.81 -22.20
N ASP A 181 16.07 13.05 -23.50
CA ASP A 181 15.07 13.63 -24.38
C ASP A 181 13.87 12.69 -24.48
N TYR A 182 14.13 11.38 -24.51
CA TYR A 182 13.07 10.39 -24.52
C TYR A 182 12.19 10.57 -23.28
N TRP A 183 12.81 10.64 -22.10
CA TRP A 183 12.08 10.86 -20.85
C TRP A 183 11.38 12.24 -20.80
N ARG A 184 12.03 13.28 -21.32
CA ARG A 184 11.41 14.61 -21.35
C ARG A 184 10.10 14.58 -22.12
N GLY A 185 10.04 13.71 -23.15
CA GLY A 185 8.87 13.55 -24.01
C GLY A 185 7.59 13.18 -23.25
N ASP A 186 7.71 12.71 -22.02
CA ASP A 186 6.54 12.34 -21.23
C ASP A 186 5.70 13.58 -20.85
N TYR A 187 6.30 14.77 -20.96
CA TYR A 187 5.63 16.04 -20.64
C TYR A 187 5.23 16.79 -21.90
N GLU A 188 5.57 16.24 -23.06
CA GLU A 188 5.31 16.92 -24.31
C GLU A 188 3.88 16.70 -24.76
N THR A 189 3.23 17.76 -25.19
CA THR A 189 1.87 17.61 -25.69
C THR A 189 1.69 18.32 -27.01
N GLU A 190 0.81 17.78 -27.84
CA GLU A 190 0.44 18.40 -29.10
C GLU A 190 -0.96 18.97 -29.03
N GLY A 191 -1.13 20.18 -29.52
CA GLY A 191 -2.43 20.82 -29.52
C GLY A 191 -2.35 22.22 -30.08
N GLU A 192 -3.51 22.88 -30.14
CA GLU A 192 -3.64 24.21 -30.70
C GLU A 192 -3.66 25.30 -29.62
N ASP A 193 -3.75 26.55 -30.07
CA ASP A 193 -3.80 27.70 -29.15
C ASP A 193 -2.60 27.68 -28.21
N GLY A 194 -2.84 27.83 -26.91
CA GLY A 194 -1.76 27.84 -25.93
C GLY A 194 -1.53 26.45 -25.33
N TYR A 195 -2.26 25.46 -25.81
CA TYR A 195 -2.16 24.12 -25.24
C TYR A 195 -1.14 23.31 -26.02
N ASN A 196 0.11 23.71 -25.90
CA ASN A 196 1.23 23.11 -26.60
C ASN A 196 2.47 23.24 -25.74
N TYR A 197 3.11 22.12 -25.41
CA TYR A 197 4.24 22.16 -24.49
C TYR A 197 5.39 21.35 -25.05
N SER A 198 6.59 21.96 -25.10
CA SER A 198 7.74 21.29 -25.72
C SER A 198 8.66 20.59 -24.73
N ARG A 199 9.53 19.72 -25.26
CA ARG A 199 10.48 18.99 -24.44
C ARG A 199 11.52 19.93 -23.81
N ASN A 200 11.97 20.92 -24.57
CA ASN A 200 12.96 21.86 -24.05
C ASN A 200 12.31 22.82 -23.04
N GLN A 201 11.02 23.10 -23.23
CA GLN A 201 10.26 23.95 -22.32
C GLN A 201 10.22 23.33 -20.95
N LEU A 202 10.23 22.01 -20.89
CA LEU A 202 10.21 21.31 -19.62
C LEU A 202 11.43 21.73 -18.82
N MET A 203 12.60 21.74 -19.43
CA MET A 203 13.80 22.11 -18.70
C MET A 203 13.70 23.53 -18.15
N GLU A 204 13.20 24.45 -18.97
CA GLU A 204 13.13 25.83 -18.56
C GLU A 204 12.18 26.06 -17.38
N ASP A 205 11.02 25.38 -17.39
CA ASP A 205 10.10 25.54 -16.28
C ASP A 205 10.65 24.90 -15.02
N VAL A 206 11.40 23.81 -15.16
CA VAL A 206 11.99 23.15 -14.01
C VAL A 206 13.01 24.07 -13.33
N ASP A 207 13.83 24.75 -14.12
CA ASP A 207 14.80 25.69 -13.56
C ASP A 207 14.07 26.84 -12.86
N ARG A 208 12.97 27.29 -13.47
CA ARG A 208 12.17 28.37 -12.88
C ARG A 208 11.60 27.97 -11.52
N ILE A 209 11.06 26.74 -11.42
CA ILE A 209 10.53 26.29 -10.14
C ILE A 209 11.62 26.23 -9.11
N PHE A 210 12.77 25.68 -9.49
CA PHE A 210 13.87 25.57 -8.55
C PHE A 210 14.19 26.92 -7.94
N LEU A 211 14.30 27.94 -8.76
CA LEU A 211 14.64 29.28 -8.27
C LEU A 211 13.54 29.86 -7.36
N GLU A 212 12.27 29.53 -7.63
CA GLU A 212 11.17 30.05 -6.81
C GLU A 212 11.12 29.38 -5.43
N ILE A 213 11.41 28.07 -5.38
CA ILE A 213 11.41 27.33 -4.11
C ILE A 213 12.70 27.55 -3.32
N LYS A 214 13.80 27.80 -4.04
CA LYS A 214 15.13 28.00 -3.47
C LYS A 214 15.16 28.79 -2.15
N PRO A 215 14.62 30.03 -2.03
CA PRO A 215 14.68 30.81 -0.81
C PRO A 215 13.99 30.15 0.39
N LEU A 216 13.01 29.26 0.15
CA LEU A 216 12.37 28.58 1.27
C LEU A 216 13.32 27.51 1.76
N TYR A 217 13.97 26.83 0.81
CA TYR A 217 14.96 25.82 1.13
C TYR A 217 16.15 26.42 1.87
N GLU A 218 16.61 27.60 1.43
CA GLU A 218 17.76 28.25 2.06
C GLU A 218 17.47 28.60 3.51
N GLN A 219 16.22 28.98 3.80
CA GLN A 219 15.81 29.28 5.17
C GLN A 219 15.72 27.99 5.99
N LEU A 220 15.23 26.91 5.38
CA LEU A 220 15.12 25.64 6.07
C LEU A 220 16.50 25.07 6.34
N HIS A 221 17.40 25.22 5.37
CA HIS A 221 18.75 24.68 5.46
C HIS A 221 19.50 25.32 6.62
N ALA A 222 19.45 26.66 6.71
CA ALA A 222 20.14 27.36 7.78
C ALA A 222 19.60 26.97 9.14
N TYR A 223 18.29 26.81 9.23
CA TYR A 223 17.69 26.40 10.49
C TYR A 223 18.13 24.99 10.89
N VAL A 224 18.05 24.07 9.95
CA VAL A 224 18.40 22.68 10.19
C VAL A 224 19.88 22.59 10.55
N ARG A 225 20.72 23.33 9.84
CA ARG A 225 22.15 23.33 10.11
C ARG A 225 22.44 23.84 11.50
N ALA A 226 21.78 24.94 11.89
CA ALA A 226 22.00 25.52 13.20
C ALA A 226 21.68 24.53 14.33
N LYS A 227 20.67 23.67 14.12
CA LYS A 227 20.31 22.70 15.14
C LYS A 227 21.17 21.42 15.08
N LEU A 228 21.49 20.95 13.87
CA LEU A 228 22.31 19.75 13.73
C LEU A 228 23.73 20.04 14.21
N MET A 229 24.14 21.30 14.10
CA MET A 229 25.44 21.73 14.57
C MET A 229 25.62 21.51 16.06
N ASN A 230 24.53 21.51 16.83
CA ASN A 230 24.63 21.31 18.26
C ASN A 230 24.49 19.82 18.57
N ALA A 231 23.70 19.13 17.76
CA ALA A 231 23.52 17.68 17.89
C ALA A 231 24.83 16.97 17.60
N TYR A 232 25.60 17.52 16.67
CA TYR A 232 26.89 16.98 16.25
C TYR A 232 27.97 18.04 16.37
N PRO A 233 28.38 18.41 17.58
CA PRO A 233 29.22 19.55 17.88
C PRO A 233 30.56 19.43 17.22
N SER A 234 31.05 20.55 16.69
CA SER A 234 32.34 20.65 16.02
C SER A 234 32.43 19.83 14.73
N ARG A 235 31.30 19.28 14.26
CA ARG A 235 31.32 18.53 13.02
C ARG A 235 30.81 19.37 11.85
N ILE A 236 30.00 20.38 12.16
CA ILE A 236 29.38 21.23 11.16
C ILE A 236 29.73 22.70 11.37
N SER A 237 30.16 23.38 10.32
CA SER A 237 30.47 24.80 10.40
C SER A 237 29.18 25.62 10.53
N PRO A 238 29.18 26.73 11.29
CA PRO A 238 28.08 27.69 11.41
C PRO A 238 27.53 28.09 10.04
N THR A 239 28.42 28.23 9.06
CA THR A 239 28.06 28.50 7.68
C THR A 239 28.73 27.45 6.81
N GLY A 240 27.94 26.74 6.02
CA GLY A 240 28.48 25.66 5.22
C GLY A 240 27.41 24.63 4.92
N CYS A 241 27.84 23.52 4.35
CA CYS A 241 26.95 22.44 3.95
C CYS A 241 26.70 21.45 5.07
N LEU A 242 25.73 20.57 4.88
CA LEU A 242 25.47 19.50 5.84
C LEU A 242 26.23 18.25 5.39
N PRO A 243 26.79 17.45 6.32
CA PRO A 243 27.32 16.12 6.07
C PRO A 243 26.22 15.23 5.50
N ALA A 244 26.51 14.52 4.42
CA ALA A 244 25.52 13.67 3.78
C ALA A 244 25.02 12.56 4.70
N HIS A 245 25.90 12.03 5.53
CA HIS A 245 25.52 10.90 6.37
C HIS A 245 24.72 11.30 7.59
N LEU A 246 24.51 12.59 7.82
CA LEU A 246 23.74 13.03 8.99
C LEU A 246 22.33 13.52 8.62
N LEU A 247 21.90 13.26 7.39
CA LEU A 247 20.59 13.77 6.95
C LEU A 247 19.42 12.85 7.28
N GLY A 248 19.70 11.70 7.90
CA GLY A 248 18.64 10.77 8.30
C GLY A 248 18.17 9.91 7.14
N ASP A 249 18.90 9.98 6.04
CA ASP A 249 18.54 9.28 4.82
C ASP A 249 19.77 8.80 4.06
N MET A 250 19.84 7.50 3.81
CA MET A 250 20.96 6.90 3.11
C MET A 250 21.28 7.64 1.82
N TRP A 251 20.27 8.19 1.14
CA TRP A 251 20.54 8.88 -0.11
C TRP A 251 20.35 10.40 -0.03
N GLY A 252 20.05 10.92 1.16
CA GLY A 252 19.87 12.35 1.38
C GLY A 252 18.64 12.97 0.71
N ARG A 253 17.57 12.20 0.54
CA ARG A 253 16.38 12.69 -0.15
C ARG A 253 15.40 13.38 0.79
N PHE A 254 15.17 12.76 1.95
CA PHE A 254 14.22 13.28 2.91
C PHE A 254 14.93 13.71 4.19
N TRP A 255 14.44 14.77 4.85
CA TRP A 255 15.01 15.24 6.12
C TRP A 255 14.05 15.00 7.29
N THR A 256 13.08 14.13 7.09
CA THR A 256 12.01 13.94 8.05
C THR A 256 12.46 13.35 9.38
N ASN A 257 13.54 12.58 9.35
CA ASN A 257 14.03 11.94 10.57
C ASN A 257 14.78 12.92 11.45
N LEU A 258 15.00 14.12 10.95
CA LEU A 258 15.68 15.17 11.69
C LEU A 258 14.68 15.98 12.49
N TYR A 259 13.39 15.72 12.31
CA TYR A 259 12.36 16.48 13.02
C TYR A 259 12.63 16.57 14.53
N ASN A 260 13.07 15.47 15.19
CA ASN A 260 13.34 15.38 16.59
C ASN A 260 14.55 16.26 17.05
N LEU A 261 15.42 16.64 16.08
CA LEU A 261 16.60 17.49 16.32
C LEU A 261 16.30 18.92 15.95
N THR A 262 15.40 19.10 14.99
CA THR A 262 15.06 20.41 14.44
C THR A 262 13.66 20.87 14.81
N VAL A 263 13.02 20.19 15.75
CA VAL A 263 11.66 20.59 16.13
C VAL A 263 11.67 22.02 16.65
N PRO A 264 10.84 22.92 16.08
CA PRO A 264 10.68 24.31 16.48
C PRO A 264 10.43 24.48 17.97
N PHE A 265 9.38 23.84 18.49
CA PHE A 265 9.06 23.96 19.90
C PHE A 265 9.06 22.61 20.60
N GLU A 266 10.15 22.34 21.33
CA GLU A 266 10.38 21.05 22.00
C GLU A 266 9.35 20.74 23.08
N GLN A 267 8.86 21.78 23.75
CA GLN A 267 7.91 21.63 24.83
C GLN A 267 6.50 21.30 24.36
N LYS A 268 6.22 21.43 23.07
CA LYS A 268 4.88 21.18 22.59
C LYS A 268 4.73 19.75 22.11
N GLN A 269 3.54 19.19 22.32
CA GLN A 269 3.24 17.86 21.85
C GLN A 269 2.57 17.94 20.50
N ASN A 270 2.70 16.89 19.70
CA ASN A 270 2.04 16.83 18.40
C ASN A 270 0.64 16.24 18.56
N ILE A 271 -0.08 16.11 17.46
CA ILE A 271 -1.40 15.52 17.51
C ILE A 271 -1.32 14.06 17.09
N ASP A 272 -1.76 13.19 17.98
CA ASP A 272 -1.78 11.75 17.73
C ASP A 272 -3.14 11.23 18.14
N VAL A 273 -3.86 10.76 17.16
CA VAL A 273 -5.24 10.36 17.31
C VAL A 273 -5.38 8.86 17.54
N THR A 274 -4.26 8.15 17.50
CA THR A 274 -4.28 6.70 17.66
C THR A 274 -4.96 6.32 18.97
N GLU A 275 -4.66 7.05 20.03
CA GLU A 275 -5.25 6.78 21.33
C GLU A 275 -6.78 6.94 21.30
N THR A 276 -7.27 7.94 20.58
CA THR A 276 -8.70 8.19 20.51
C THR A 276 -9.42 7.05 19.80
N MET A 277 -8.83 6.59 18.70
CA MET A 277 -9.41 5.48 17.94
C MET A 277 -9.50 4.22 18.78
N LYS A 278 -8.48 3.96 19.61
CA LYS A 278 -8.54 2.78 20.46
C LYS A 278 -9.64 2.92 21.51
N LYS A 279 -9.74 4.10 22.14
CA LYS A 279 -10.77 4.33 23.16
C LYS A 279 -12.18 4.22 22.57
N GLN A 280 -12.33 4.63 21.32
CA GLN A 280 -13.61 4.59 20.63
C GLN A 280 -13.88 3.25 19.94
N SER A 281 -12.99 2.27 20.13
CA SER A 281 -13.11 0.95 19.54
C SER A 281 -13.23 0.92 18.02
N TRP A 282 -12.34 1.62 17.33
CA TRP A 282 -12.32 1.60 15.86
C TRP A 282 -11.80 0.29 15.30
N ASP A 283 -12.29 -0.05 14.11
CA ASP A 283 -11.82 -1.18 13.31
C ASP A 283 -11.21 -0.67 12.00
N ALA A 284 -10.71 -1.58 11.16
CA ALA A 284 -10.22 -1.22 9.84
C ALA A 284 -11.41 -0.81 9.01
N GLU A 285 -12.54 -1.47 9.26
CA GLU A 285 -13.79 -1.20 8.57
C GLU A 285 -14.22 0.24 8.76
N LYS A 286 -14.02 0.76 9.98
CA LYS A 286 -14.41 2.12 10.30
C LYS A 286 -13.54 3.10 9.54
N ILE A 287 -12.26 2.80 9.44
CA ILE A 287 -11.32 3.67 8.72
C ILE A 287 -11.68 3.78 7.25
N PHE A 288 -11.99 2.65 6.60
CA PHE A 288 -12.34 2.70 5.19
C PHE A 288 -13.71 3.28 4.94
N LYS A 289 -14.66 3.02 5.83
CA LYS A 289 -15.99 3.57 5.61
C LYS A 289 -15.95 5.07 5.74
N GLU A 290 -15.14 5.57 6.69
CA GLU A 290 -14.99 7.01 6.86
C GLU A 290 -14.26 7.60 5.64
N ALA A 291 -13.34 6.84 5.04
CA ALA A 291 -12.66 7.30 3.83
C ALA A 291 -13.67 7.51 2.71
N GLU A 292 -14.63 6.59 2.58
CA GLU A 292 -15.66 6.76 1.58
C GLU A 292 -16.50 8.01 1.82
N LYS A 293 -16.89 8.23 3.08
CA LYS A 293 -17.70 9.41 3.41
C LYS A 293 -16.95 10.70 3.13
N PHE A 294 -15.63 10.71 3.38
CA PHE A 294 -14.83 11.89 3.10
C PHE A 294 -15.02 12.26 1.65
N TYR A 295 -14.85 11.29 0.77
CA TYR A 295 -14.97 11.58 -0.66
C TYR A 295 -16.40 11.92 -1.08
N LEU A 296 -17.39 11.34 -0.40
CA LEU A 296 -18.78 11.69 -0.70
C LEU A 296 -19.06 13.12 -0.25
N SER A 297 -18.42 13.54 0.85
CA SER A 297 -18.56 14.90 1.37
C SER A 297 -17.83 15.90 0.48
N VAL A 298 -16.76 15.45 -0.19
CA VAL A 298 -16.08 16.27 -1.20
C VAL A 298 -16.99 16.42 -2.41
N GLY A 299 -17.62 15.32 -2.80
CA GLY A 299 -18.53 15.33 -3.93
C GLY A 299 -18.00 14.52 -5.11
N LEU A 300 -17.25 13.45 -4.84
CA LEU A 300 -16.70 12.63 -5.91
C LEU A 300 -17.51 11.32 -6.10
N TYR A 301 -16.87 10.16 -6.00
CA TYR A 301 -17.55 8.90 -6.30
C TYR A 301 -17.67 7.96 -5.09
N SER A 302 -18.76 7.18 -5.05
CA SER A 302 -18.94 6.15 -4.05
C SER A 302 -18.15 4.91 -4.43
N MET A 303 -17.97 3.99 -3.49
CA MET A 303 -17.31 2.73 -3.80
C MET A 303 -18.31 1.67 -4.22
N THR A 304 -17.87 0.78 -5.09
CA THR A 304 -18.72 -0.28 -5.60
C THR A 304 -18.86 -1.42 -4.61
N GLN A 305 -19.83 -2.29 -4.86
CA GLN A 305 -20.06 -3.43 -4.00
C GLN A 305 -18.89 -4.41 -4.12
N GLY A 306 -18.35 -4.52 -5.33
CA GLY A 306 -17.21 -5.40 -5.58
C GLY A 306 -16.00 -4.95 -4.78
N PHE A 307 -15.83 -3.64 -4.62
CA PHE A 307 -14.71 -3.09 -3.86
C PHE A 307 -14.71 -3.63 -2.44
N TRP A 308 -15.87 -3.52 -1.79
CA TRP A 308 -16.02 -3.93 -0.41
C TRP A 308 -15.84 -5.45 -0.18
N ASN A 309 -16.33 -6.27 -1.14
CA ASN A 309 -16.27 -7.76 -1.00
C ASN A 309 -14.90 -8.33 -1.35
N ASN A 310 -14.23 -7.84 -2.39
CA ASN A 310 -13.00 -8.42 -2.94
C ASN A 310 -11.66 -7.81 -2.51
N SER A 311 -11.62 -6.54 -2.13
CA SER A 311 -10.33 -5.93 -1.80
C SER A 311 -9.70 -6.56 -0.57
N MET A 312 -8.38 -6.62 -0.52
CA MET A 312 -7.74 -7.10 0.69
C MET A 312 -7.38 -5.88 1.51
N LEU A 313 -8.19 -5.57 2.51
CA LEU A 313 -8.01 -4.34 3.26
C LEU A 313 -7.21 -4.54 4.55
N THR A 314 -7.21 -5.77 5.06
CA THR A 314 -6.46 -6.13 6.25
C THR A 314 -5.68 -7.41 6.03
N GLU A 315 -4.67 -7.64 6.87
CA GLU A 315 -3.90 -8.87 6.82
C GLU A 315 -4.80 -10.02 7.27
N PRO A 316 -4.84 -11.16 6.56
CA PRO A 316 -5.60 -12.37 6.86
C PRO A 316 -5.02 -13.16 8.04
N SER A 317 -5.85 -13.92 8.71
CA SER A 317 -5.41 -14.80 9.82
C SER A 317 -5.40 -16.28 9.44
N ASP A 318 -5.49 -16.51 8.13
CA ASP A 318 -5.66 -17.85 7.56
C ASP A 318 -4.40 -18.71 7.51
N GLY A 319 -3.23 -18.09 7.41
CA GLY A 319 -1.98 -18.83 7.35
C GLY A 319 -1.25 -18.58 6.04
N ARG A 320 -1.98 -18.14 5.04
CA ARG A 320 -1.39 -17.80 3.76
C ARG A 320 -0.59 -16.54 3.93
N GLN A 321 0.50 -16.45 3.18
CA GLN A 321 1.34 -15.25 3.20
C GLN A 321 0.85 -14.24 2.16
N VAL A 322 0.98 -12.95 2.50
CA VAL A 322 0.57 -11.86 1.62
C VAL A 322 1.61 -10.76 1.53
N VAL A 323 1.50 -9.92 0.50
CA VAL A 323 2.34 -8.74 0.39
C VAL A 323 1.62 -7.52 1.02
N CYS A 324 2.28 -6.88 1.98
CA CYS A 324 1.81 -5.69 2.70
C CYS A 324 2.57 -4.46 2.21
N HIS A 325 1.89 -3.55 1.58
CA HIS A 325 2.34 -2.28 1.03
C HIS A 325 1.13 -1.68 0.29
N PRO A 326 0.74 -0.43 0.56
CA PRO A 326 -0.47 0.17 0.06
C PRO A 326 -0.45 0.41 -1.45
N THR A 327 -1.33 -0.28 -2.16
CA THR A 327 -1.44 -0.20 -3.61
C THR A 327 -2.88 -0.07 -4.11
N ALA A 328 -3.10 0.85 -5.05
CA ALA A 328 -4.40 0.97 -5.70
C ALA A 328 -4.41 0.13 -6.97
N TRP A 329 -5.42 -0.71 -7.12
CA TRP A 329 -5.52 -1.59 -8.27
C TRP A 329 -6.68 -1.26 -9.19
N ASP A 330 -6.46 -1.48 -10.48
CA ASP A 330 -7.50 -1.37 -11.48
C ASP A 330 -7.40 -2.60 -12.38
N LEU A 331 -8.35 -3.50 -12.24
CA LEU A 331 -8.30 -4.78 -12.93
C LEU A 331 -9.08 -4.74 -14.23
N GLY A 332 -9.66 -3.60 -14.53
CA GLY A 332 -10.47 -3.47 -15.73
C GLY A 332 -11.88 -3.98 -15.47
N GLU A 333 -12.76 -3.85 -16.47
CA GLU A 333 -14.16 -4.27 -16.33
C GLU A 333 -14.78 -3.64 -15.08
N ASP A 334 -14.45 -2.37 -14.84
CA ASP A 334 -14.92 -1.61 -13.69
C ASP A 334 -14.64 -2.30 -12.36
N ASP A 335 -13.51 -3.01 -12.26
CA ASP A 335 -13.14 -3.71 -11.04
C ASP A 335 -12.02 -2.95 -10.31
N PHE A 336 -12.41 -2.22 -9.26
CA PHE A 336 -11.48 -1.36 -8.54
C PHE A 336 -11.21 -1.89 -7.14
N ARG A 337 -9.93 -2.01 -6.77
CA ARG A 337 -9.58 -2.58 -5.46
C ARG A 337 -8.46 -1.82 -4.76
N ILE A 338 -8.41 -1.93 -3.44
CA ILE A 338 -7.29 -1.40 -2.66
C ILE A 338 -6.63 -2.50 -1.87
N LYS A 339 -5.32 -2.64 -2.01
CA LYS A 339 -4.60 -3.67 -1.28
C LYS A 339 -3.70 -3.05 -0.21
N MET A 340 -3.99 -3.37 1.04
CA MET A 340 -3.17 -2.88 2.15
C MET A 340 -3.47 -3.72 3.39
N CYS A 341 -2.64 -3.59 4.44
CA CYS A 341 -2.79 -4.31 5.70
C CYS A 341 -3.05 -3.28 6.80
N THR A 342 -4.32 -2.87 6.91
CA THR A 342 -4.74 -1.76 7.77
C THR A 342 -4.74 -2.07 9.26
N LYS A 343 -4.15 -1.17 10.03
CA LYS A 343 -4.13 -1.23 11.49
C LYS A 343 -4.89 -0.02 12.03
N VAL A 344 -5.38 -0.09 13.26
CA VAL A 344 -6.04 1.08 13.81
C VAL A 344 -5.01 2.05 14.36
N THR A 345 -4.44 2.82 13.43
CA THR A 345 -3.39 3.80 13.69
C THR A 345 -3.70 5.07 12.91
N MET A 346 -3.34 6.22 13.47
CA MET A 346 -3.58 7.47 12.77
C MET A 346 -2.95 7.51 11.37
N ASP A 347 -1.79 6.87 11.18
CA ASP A 347 -1.16 6.89 9.86
C ASP A 347 -2.00 6.17 8.82
N ASP A 348 -2.62 5.05 9.19
CA ASP A 348 -3.44 4.31 8.24
C ASP A 348 -4.74 5.04 7.96
N PHE A 349 -5.16 5.86 8.92
CA PHE A 349 -6.33 6.71 8.72
C PHE A 349 -6.07 7.76 7.62
N LEU A 350 -4.81 8.00 7.28
CA LEU A 350 -4.53 8.95 6.22
C LEU A 350 -4.22 8.17 4.94
N THR A 351 -3.56 7.01 5.09
CA THR A 351 -3.19 6.17 3.96
C THR A 351 -4.41 5.59 3.27
N ALA A 352 -5.41 5.16 4.04
CA ALA A 352 -6.61 4.58 3.47
C ALA A 352 -7.30 5.58 2.55
N HIS A 353 -7.28 6.86 2.95
CA HIS A 353 -7.90 7.92 2.16
C HIS A 353 -7.07 8.21 0.93
N HIS A 354 -5.74 8.14 1.07
CA HIS A 354 -4.83 8.35 -0.04
C HIS A 354 -5.08 7.31 -1.15
N GLU A 355 -5.16 6.04 -0.76
CA GLU A 355 -5.39 4.98 -1.73
C GLU A 355 -6.79 5.09 -2.29
N MET A 356 -7.73 5.51 -1.46
CA MET A 356 -9.10 5.72 -1.88
C MET A 356 -9.13 6.83 -2.93
N GLY A 357 -8.28 7.84 -2.76
CA GLY A 357 -8.13 8.95 -3.69
C GLY A 357 -7.62 8.48 -5.05
N HIS A 358 -6.74 7.47 -5.05
CA HIS A 358 -6.25 6.93 -6.31
C HIS A 358 -7.38 6.27 -7.05
N ILE A 359 -8.23 5.56 -6.31
CA ILE A 359 -9.37 4.90 -6.91
C ILE A 359 -10.34 5.93 -7.47
N GLN A 360 -10.54 7.04 -6.74
CA GLN A 360 -11.45 8.08 -7.24
C GLN A 360 -11.02 8.56 -8.62
N TYR A 361 -9.71 8.74 -8.80
CA TYR A 361 -9.17 9.20 -10.07
C TYR A 361 -9.31 8.09 -11.13
N ASP A 362 -9.01 6.84 -10.73
CA ASP A 362 -9.05 5.72 -11.67
C ASP A 362 -10.47 5.50 -12.18
N MET A 363 -11.45 5.67 -11.31
CA MET A 363 -12.83 5.54 -11.73
C MET A 363 -13.19 6.67 -12.68
N ALA A 364 -12.73 7.89 -12.38
CA ALA A 364 -13.10 9.04 -13.17
C ALA A 364 -12.75 8.91 -14.64
N TYR A 365 -11.58 8.37 -14.95
CA TYR A 365 -11.19 8.25 -16.37
C TYR A 365 -11.50 6.87 -16.94
N ALA A 366 -12.34 6.10 -16.26
CA ALA A 366 -12.70 4.76 -16.71
C ALA A 366 -13.47 4.81 -18.03
N LYS A 367 -14.02 5.97 -18.36
CA LYS A 367 -14.80 6.15 -19.57
C LYS A 367 -13.92 6.45 -20.79
N GLN A 368 -12.61 6.55 -20.58
CA GLN A 368 -11.69 6.84 -21.67
C GLN A 368 -11.34 5.55 -22.43
N PRO A 369 -10.90 5.63 -23.70
CA PRO A 369 -10.34 4.54 -24.49
C PRO A 369 -9.19 3.92 -23.74
N TYR A 370 -9.02 2.60 -23.86
CA TYR A 370 -8.03 1.87 -23.08
C TYR A 370 -6.66 2.55 -23.01
N LEU A 371 -6.14 2.95 -24.16
CA LEU A 371 -4.80 3.52 -24.21
C LEU A 371 -4.66 4.85 -23.45
N LEU A 372 -5.77 5.57 -23.31
CA LEU A 372 -5.74 6.87 -22.67
C LEU A 372 -6.19 6.80 -21.22
N ARG A 373 -6.39 5.58 -20.69
CA ARG A 373 -6.81 5.41 -19.30
C ARG A 373 -5.65 5.54 -18.35
N ASN A 374 -5.21 6.79 -18.16
CA ASN A 374 -4.12 7.15 -17.30
C ASN A 374 -4.35 8.57 -16.80
N GLY A 375 -3.43 9.09 -16.00
CA GLY A 375 -3.55 10.48 -15.57
C GLY A 375 -3.05 11.35 -16.71
N ALA A 376 -3.34 12.66 -16.65
CA ALA A 376 -2.84 13.55 -17.70
C ALA A 376 -1.31 13.52 -17.69
N ASN A 377 -0.77 13.39 -16.49
CA ASN A 377 0.66 13.27 -16.27
C ASN A 377 0.83 12.39 -15.03
N GLU A 378 1.98 11.74 -14.91
CA GLU A 378 2.17 10.88 -13.74
C GLU A 378 2.18 11.71 -12.46
N GLY A 379 2.59 12.97 -12.59
CA GLY A 379 2.58 13.91 -11.49
C GLY A 379 1.16 14.21 -11.02
N PHE A 380 0.16 14.18 -11.92
CA PHE A 380 -1.21 14.47 -11.56
C PHE A 380 -1.76 13.32 -10.75
N HIS A 381 -1.43 12.10 -11.18
CA HIS A 381 -1.96 10.93 -10.51
C HIS A 381 -1.63 11.02 -9.02
N GLU A 382 -0.35 11.24 -8.74
CA GLU A 382 0.10 11.29 -7.36
C GLU A 382 -0.30 12.58 -6.65
N ALA A 383 -0.27 13.71 -7.37
CA ALA A 383 -0.58 15.00 -6.76
C ALA A 383 -2.00 15.05 -6.26
N VAL A 384 -2.94 14.47 -7.01
CA VAL A 384 -4.33 14.49 -6.60
C VAL A 384 -4.51 13.70 -5.32
N GLY A 385 -3.89 12.52 -5.24
CA GLY A 385 -3.99 11.71 -4.03
C GLY A 385 -3.47 12.47 -2.80
N GLU A 386 -2.35 13.17 -2.97
CA GLU A 386 -1.73 13.92 -1.86
C GLU A 386 -2.58 15.09 -1.38
N VAL A 387 -3.28 15.77 -2.29
CA VAL A 387 -4.10 16.91 -1.89
C VAL A 387 -5.22 16.43 -0.98
N MET A 388 -5.83 15.31 -1.36
CA MET A 388 -6.88 14.72 -0.56
C MET A 388 -6.34 14.25 0.80
N SER A 389 -5.12 13.74 0.82
CA SER A 389 -4.49 13.29 2.06
C SER A 389 -4.33 14.46 3.04
N LEU A 390 -3.86 15.61 2.54
CA LEU A 390 -3.71 16.79 3.39
C LEU A 390 -5.04 17.27 3.94
N SER A 391 -6.09 17.21 3.13
CA SER A 391 -7.42 17.64 3.56
C SER A 391 -7.90 16.84 4.76
N VAL A 392 -7.60 15.54 4.77
CA VAL A 392 -7.99 14.64 5.85
C VAL A 392 -7.17 14.91 7.11
N ALA A 393 -5.86 15.10 6.93
CA ALA A 393 -4.94 15.37 8.02
C ALA A 393 -5.29 16.67 8.77
N THR A 394 -5.79 17.67 8.05
CA THR A 394 -6.15 18.96 8.63
C THR A 394 -7.07 18.75 9.85
N PRO A 395 -6.73 19.33 11.03
CA PRO A 395 -7.46 19.23 12.28
C PRO A 395 -8.95 19.49 12.18
N LYS A 396 -9.38 20.36 11.27
CA LYS A 396 -10.82 20.60 11.13
C LYS A 396 -11.57 19.33 10.76
N HIS A 397 -10.94 18.50 9.94
CA HIS A 397 -11.54 17.24 9.51
C HIS A 397 -11.56 16.29 10.70
N LEU A 398 -10.44 16.23 11.41
CA LEU A 398 -10.35 15.32 12.53
C LEU A 398 -11.40 15.68 13.58
N LYS A 399 -11.66 16.98 13.79
CA LYS A 399 -12.71 17.39 14.73
C LYS A 399 -14.07 16.92 14.20
N GLY A 400 -14.30 17.10 12.89
CA GLY A 400 -15.56 16.71 12.27
C GLY A 400 -15.83 15.21 12.42
N MET A 401 -14.78 14.40 12.42
CA MET A 401 -14.92 12.95 12.52
C MET A 401 -15.03 12.49 13.98
N GLY A 402 -14.95 13.43 14.93
CA GLY A 402 -15.05 13.12 16.35
C GLY A 402 -13.75 12.56 16.93
N LEU A 403 -12.63 12.85 16.28
CA LEU A 403 -11.34 12.34 16.70
C LEU A 403 -10.53 13.27 17.59
N LEU A 404 -11.06 14.46 17.81
CA LEU A 404 -10.43 15.46 18.66
C LEU A 404 -11.46 15.99 19.65
N PRO A 405 -11.06 16.43 20.85
CA PRO A 405 -11.88 17.11 21.84
C PRO A 405 -12.47 18.38 21.26
N SER A 406 -13.69 18.72 21.65
CA SER A 406 -14.33 19.93 21.15
C SER A 406 -13.70 21.17 21.76
N ASP A 407 -12.96 20.96 22.85
CA ASP A 407 -12.30 22.03 23.56
C ASP A 407 -10.86 22.19 23.08
N PHE A 408 -10.48 21.44 22.06
CA PHE A 408 -9.14 21.47 21.51
C PHE A 408 -8.96 22.57 20.47
N SER A 409 -7.84 23.28 20.56
CA SER A 409 -7.49 24.28 19.57
C SER A 409 -5.99 24.33 19.40
N GLU A 410 -5.55 24.85 18.27
CA GLU A 410 -4.13 24.95 18.03
C GLU A 410 -3.64 26.38 18.21
N ASP A 411 -2.46 26.51 18.81
CA ASP A 411 -1.81 27.81 18.94
C ASP A 411 -0.82 28.00 17.78
N ASN A 412 -0.11 29.15 17.76
CA ASN A 412 0.82 29.49 16.68
C ASN A 412 2.16 28.75 16.80
N GLU A 413 2.41 28.03 17.91
CA GLU A 413 3.60 27.20 18.10
C GLU A 413 3.37 25.82 17.47
N THR A 414 2.14 25.31 17.61
CA THR A 414 1.73 24.04 17.04
C THR A 414 1.77 24.11 15.52
N GLU A 415 1.27 25.23 14.97
CA GLU A 415 1.25 25.39 13.51
C GLU A 415 2.66 25.36 12.93
N ILE A 416 3.62 25.94 13.64
CA ILE A 416 5.00 25.96 13.19
C ILE A 416 5.60 24.56 13.20
N ASN A 417 5.37 23.79 14.28
CA ASN A 417 5.85 22.41 14.30
C ASN A 417 5.27 21.60 13.15
N PHE A 418 3.98 21.79 12.87
CA PHE A 418 3.31 21.07 11.79
C PHE A 418 3.94 21.40 10.45
N LEU A 419 4.09 22.70 10.17
CA LEU A 419 4.62 23.12 8.89
C LEU A 419 6.06 22.70 8.68
N LEU A 420 6.88 22.74 9.72
CA LEU A 420 8.27 22.33 9.52
C LEU A 420 8.33 20.83 9.25
N LYS A 421 7.54 20.05 10.00
CA LYS A 421 7.55 18.62 9.77
C LYS A 421 7.20 18.35 8.30
N GLN A 422 6.23 19.10 7.79
CA GLN A 422 5.84 18.98 6.38
C GLN A 422 6.97 19.45 5.45
N ALA A 423 7.66 20.51 5.83
CA ALA A 423 8.77 21.08 5.04
C ALA A 423 9.90 20.07 4.86
N LEU A 424 10.15 19.28 5.89
CA LEU A 424 11.23 18.28 5.88
C LEU A 424 10.91 17.13 4.89
N ASN A 425 9.65 17.00 4.50
CA ASN A 425 9.21 15.97 3.58
C ASN A 425 8.96 16.57 2.19
N ILE A 426 8.53 17.82 2.17
CA ILE A 426 8.14 18.53 0.95
C ILE A 426 9.19 19.48 0.37
N VAL A 427 9.77 20.35 1.20
CA VAL A 427 10.69 21.35 0.71
C VAL A 427 12.09 20.80 0.55
N GLY A 428 12.55 20.06 1.56
CA GLY A 428 13.92 19.54 1.59
C GLY A 428 14.16 18.46 0.54
N THR A 429 13.08 17.97 -0.05
CA THR A 429 13.13 16.91 -1.04
C THR A 429 13.19 17.48 -2.47
N LEU A 430 12.80 18.73 -2.64
CA LEU A 430 12.70 19.30 -3.98
C LEU A 430 14.01 19.59 -4.68
N PRO A 431 14.99 20.32 -4.08
CA PRO A 431 16.22 20.66 -4.74
C PRO A 431 17.05 19.39 -4.94
N PHE A 432 16.78 18.36 -4.13
CA PHE A 432 17.41 17.05 -4.29
C PHE A 432 16.95 16.40 -5.59
N THR A 433 15.62 16.35 -5.78
CA THR A 433 15.04 15.73 -6.95
C THR A 433 15.52 16.43 -8.20
N TYR A 434 15.48 17.76 -8.15
CA TYR A 434 15.94 18.63 -9.23
C TYR A 434 17.40 18.38 -9.59
N MET A 435 18.28 18.37 -8.60
CA MET A 435 19.71 18.18 -8.79
C MET A 435 20.02 16.85 -9.47
N LEU A 436 19.42 15.78 -8.95
CA LEU A 436 19.72 14.44 -9.44
C LEU A 436 19.18 14.21 -10.84
N GLU A 437 17.98 14.70 -11.12
CA GLU A 437 17.38 14.53 -12.44
C GLU A 437 18.19 15.30 -13.48
N LYS A 438 18.63 16.52 -13.13
CA LYS A 438 19.41 17.34 -14.05
C LYS A 438 20.76 16.71 -14.37
N TRP A 439 21.42 16.18 -13.33
CA TRP A 439 22.73 15.52 -13.54
C TRP A 439 22.63 14.37 -14.54
N ARG A 440 21.71 13.44 -14.31
CA ARG A 440 21.52 12.29 -15.23
C ARG A 440 21.22 12.82 -16.64
N TRP A 441 20.35 13.83 -16.75
CA TRP A 441 19.98 14.35 -18.05
C TRP A 441 21.25 14.74 -18.77
N MET A 442 22.17 15.44 -18.09
CA MET A 442 23.42 15.83 -18.74
C MET A 442 24.27 14.62 -19.10
N VAL A 443 24.20 13.60 -18.26
CA VAL A 443 24.95 12.33 -18.52
C VAL A 443 24.41 11.72 -19.82
N PHE A 444 23.08 11.57 -19.93
CA PHE A 444 22.52 10.94 -21.12
C PHE A 444 22.72 11.82 -22.35
N GLU A 445 22.57 13.14 -22.18
CA GLU A 445 22.73 14.09 -23.28
C GLU A 445 24.13 14.02 -23.86
N GLY A 446 25.12 13.82 -23.00
CA GLY A 446 26.51 13.74 -23.43
C GLY A 446 27.26 15.03 -23.18
N LYS A 447 26.84 15.79 -22.17
CA LYS A 447 27.48 17.06 -21.86
C LYS A 447 28.64 16.90 -20.86
N ILE A 448 28.75 15.71 -20.26
CA ILE A 448 29.80 15.46 -19.29
C ILE A 448 30.61 14.22 -19.73
N PRO A 449 31.94 14.30 -19.86
CA PRO A 449 32.85 13.20 -20.11
C PRO A 449 32.70 12.13 -19.04
N LYS A 450 32.88 10.87 -19.40
CA LYS A 450 32.68 9.77 -18.45
C LYS A 450 33.50 9.94 -17.17
N GLU A 451 34.74 10.37 -17.33
CA GLU A 451 35.64 10.53 -16.20
C GLU A 451 35.24 11.67 -15.26
N GLN A 452 34.33 12.53 -15.73
CA GLN A 452 33.86 13.67 -14.96
C GLN A 452 32.45 13.48 -14.38
N TRP A 453 31.84 12.32 -14.62
CA TRP A 453 30.45 12.09 -14.16
C TRP A 453 30.37 12.30 -12.64
N MET A 454 31.30 11.74 -11.89
CA MET A 454 31.28 11.86 -10.43
C MET A 454 31.58 13.26 -9.94
N GLU A 455 32.55 13.93 -10.57
CA GLU A 455 32.92 15.26 -10.11
C GLU A 455 31.76 16.23 -10.26
N LYS A 456 31.03 16.12 -11.37
CA LYS A 456 29.93 17.04 -11.58
C LYS A 456 28.81 16.78 -10.60
N TRP A 457 28.59 15.50 -10.28
CA TRP A 457 27.52 15.10 -9.34
C TRP A 457 27.69 15.83 -8.00
N TRP A 458 28.88 15.77 -7.40
CA TRP A 458 29.10 16.38 -6.09
C TRP A 458 29.21 17.90 -6.17
N GLU A 459 29.72 18.45 -7.27
CA GLU A 459 29.77 19.91 -7.37
C GLU A 459 28.34 20.46 -7.41
N MET A 460 27.46 19.79 -8.15
CA MET A 460 26.06 20.20 -8.23
C MET A 460 25.40 20.07 -6.86
N LYS A 461 25.68 18.99 -6.15
CA LYS A 461 25.06 18.78 -4.85
C LYS A 461 25.46 19.89 -3.86
N ARG A 462 26.72 20.31 -3.87
CA ARG A 462 27.15 21.38 -2.99
C ARG A 462 26.48 22.72 -3.30
N GLU A 463 26.29 23.02 -4.58
CA GLU A 463 25.68 24.28 -5.00
C GLU A 463 24.15 24.28 -4.91
N ILE A 464 23.51 23.14 -5.17
CA ILE A 464 22.06 23.06 -5.22
C ILE A 464 21.40 22.67 -3.89
N VAL A 465 21.92 21.67 -3.17
CA VAL A 465 21.29 21.30 -1.92
C VAL A 465 22.15 21.62 -0.70
N GLY A 466 23.45 21.78 -0.91
CA GLY A 466 24.32 22.10 0.20
C GLY A 466 24.65 20.88 1.03
N VAL A 467 25.02 19.79 0.34
CA VAL A 467 25.36 18.54 1.02
C VAL A 467 26.75 18.03 0.61
N VAL A 468 27.54 17.63 1.60
CA VAL A 468 28.93 17.19 1.36
C VAL A 468 29.31 15.80 1.88
N GLU A 469 30.09 15.09 1.06
CA GLU A 469 30.65 13.78 1.44
C GLU A 469 31.99 13.99 2.17
N PRO A 470 32.17 13.46 3.41
CA PRO A 470 33.35 13.60 4.27
C PRO A 470 34.69 12.98 3.77
N LEU A 471 34.62 12.02 2.85
CA LEU A 471 35.87 11.36 2.33
C LEU A 471 35.78 11.31 0.76
N PRO A 472 36.77 11.83 0.06
CA PRO A 472 36.71 12.06 -1.40
C PRO A 472 36.72 10.73 -2.17
N HIS A 473 36.02 10.71 -3.31
CA HIS A 473 36.01 9.50 -4.17
C HIS A 473 36.89 9.77 -5.39
N ASP A 474 37.87 8.89 -5.66
CA ASP A 474 38.81 9.13 -6.78
C ASP A 474 38.02 9.38 -8.07
N GLU A 475 37.11 8.46 -8.42
CA GLU A 475 36.29 8.58 -9.66
C GLU A 475 35.61 7.24 -9.92
N THR A 476 36.32 6.13 -9.72
CA THR A 476 35.74 4.80 -9.92
C THR A 476 34.35 4.62 -9.30
N TYR A 477 33.99 5.51 -8.39
CA TYR A 477 32.72 5.44 -7.70
C TYR A 477 31.57 6.00 -8.55
N CYS A 478 30.36 5.46 -8.34
CA CYS A 478 29.14 5.93 -9.04
C CYS A 478 28.05 6.02 -7.97
N ASP A 479 28.14 6.99 -7.06
CA ASP A 479 27.25 7.14 -5.93
C ASP A 479 25.77 7.22 -6.33
N PRO A 480 25.38 7.94 -7.39
CA PRO A 480 24.00 8.04 -7.83
C PRO A 480 23.37 6.66 -8.02
N ALA A 481 24.15 5.69 -8.48
CA ALA A 481 23.62 4.36 -8.81
C ALA A 481 23.38 3.54 -7.56
N SER A 482 23.77 4.06 -6.40
CA SER A 482 23.56 3.36 -5.14
C SER A 482 22.10 3.47 -4.73
N LEU A 483 21.32 4.31 -5.45
CA LEU A 483 19.90 4.53 -5.20
C LEU A 483 19.05 3.65 -6.11
N PHE A 484 17.95 3.13 -5.58
CA PHE A 484 17.07 2.23 -6.33
C PHE A 484 16.67 2.78 -7.69
N HIS A 485 16.27 4.05 -7.72
CA HIS A 485 15.72 4.65 -8.93
C HIS A 485 16.78 5.13 -9.92
N VAL A 486 18.05 4.85 -9.64
CA VAL A 486 19.13 5.18 -10.61
C VAL A 486 19.65 3.87 -11.19
N ALA A 487 19.84 2.87 -10.32
CA ALA A 487 20.27 1.54 -10.78
C ALA A 487 19.20 0.95 -11.68
N ASN A 488 17.93 1.22 -11.36
CA ASN A 488 16.79 0.79 -12.17
C ASN A 488 16.36 1.94 -13.07
N ASP A 489 15.65 1.63 -14.15
CA ASP A 489 15.27 2.66 -15.11
C ASP A 489 14.08 3.52 -14.70
N TYR A 490 14.29 4.40 -13.72
CA TYR A 490 13.17 5.24 -13.21
C TYR A 490 13.49 6.73 -13.38
N SER A 491 12.45 7.56 -13.51
CA SER A 491 12.65 9.04 -13.63
C SER A 491 12.29 9.70 -12.30
N PHE A 492 12.91 10.84 -11.98
CA PHE A 492 12.67 11.49 -10.67
C PHE A 492 11.85 12.77 -10.84
N ILE A 493 11.86 13.36 -12.03
CA ILE A 493 11.15 14.66 -12.24
C ILE A 493 9.69 14.54 -11.81
N ARG A 494 9.07 13.37 -12.02
CA ARG A 494 7.66 13.14 -11.62
C ARG A 494 7.45 13.51 -10.15
N TYR A 495 8.51 13.40 -9.34
CA TYR A 495 8.38 13.65 -7.91
C TYR A 495 8.46 15.16 -7.67
N PHE A 496 9.26 15.81 -8.52
CA PHE A 496 9.41 17.27 -8.47
C PHE A 496 8.09 17.87 -8.89
N THR A 497 7.54 17.31 -9.96
CA THR A 497 6.27 17.69 -10.54
C THR A 497 5.12 17.41 -9.59
N ARG A 498 5.11 16.23 -8.99
CA ARG A 498 4.05 15.83 -8.08
C ARG A 498 3.87 16.85 -6.97
N THR A 499 4.96 17.30 -6.38
CA THR A 499 4.88 18.25 -5.29
C THR A 499 4.30 19.60 -5.71
N ILE A 500 4.79 20.15 -6.82
CA ILE A 500 4.30 21.46 -7.24
C ILE A 500 2.81 21.38 -7.63
N LEU A 501 2.41 20.33 -8.33
CA LEU A 501 1.01 20.16 -8.72
C LEU A 501 0.12 20.03 -7.49
N GLU A 502 0.59 19.29 -6.49
CA GLU A 502 -0.18 19.12 -5.27
C GLU A 502 -0.62 20.46 -4.70
N PHE A 503 0.30 21.42 -4.65
CA PHE A 503 -0.06 22.71 -4.10
C PHE A 503 -0.90 23.55 -5.06
N GLN A 504 -0.66 23.45 -6.37
CA GLN A 504 -1.48 24.21 -7.30
C GLN A 504 -2.94 23.77 -7.20
N PHE A 505 -3.14 22.46 -7.05
CA PHE A 505 -4.47 21.89 -6.96
C PHE A 505 -5.11 22.24 -5.61
N GLN A 506 -4.33 22.15 -4.52
CA GLN A 506 -4.87 22.45 -3.21
C GLN A 506 -5.35 23.89 -3.11
N GLU A 507 -4.53 24.83 -3.59
CA GLU A 507 -4.90 26.24 -3.50
C GLU A 507 -6.14 26.54 -4.33
N ALA A 508 -6.18 25.99 -5.54
CA ALA A 508 -7.30 26.24 -6.43
C ALA A 508 -8.61 25.70 -5.86
N LEU A 509 -8.56 24.52 -5.26
CA LEU A 509 -9.76 23.95 -4.66
C LEU A 509 -10.22 24.73 -3.41
N CYS A 510 -9.26 25.29 -2.63
CA CYS A 510 -9.53 26.16 -1.46
C CYS A 510 -10.33 27.43 -1.77
N LYS A 511 -9.95 28.15 -2.83
CA LYS A 511 -10.73 29.33 -3.23
C LYS A 511 -12.14 29.03 -3.72
N ILE A 512 -12.28 27.86 -4.32
CA ILE A 512 -13.59 27.40 -4.79
C ILE A 512 -14.37 27.13 -3.50
N ALA A 513 -13.72 26.51 -2.53
CA ALA A 513 -14.34 26.22 -1.24
C ALA A 513 -14.54 27.48 -0.41
N LYS A 514 -13.94 28.57 -0.87
CA LYS A 514 -14.03 29.88 -0.23
C LYS A 514 -13.42 29.86 1.16
N HIS A 515 -12.28 29.21 1.29
CA HIS A 515 -11.60 29.20 2.58
C HIS A 515 -10.79 30.47 2.77
N GLU A 516 -11.24 31.32 3.68
CA GLU A 516 -10.58 32.58 3.92
C GLU A 516 -9.50 32.43 4.98
N GLY A 517 -8.41 31.76 4.60
CA GLY A 517 -7.34 31.50 5.55
C GLY A 517 -6.20 30.69 4.95
N PRO A 518 -5.23 30.30 5.77
CA PRO A 518 -4.04 29.54 5.45
C PRO A 518 -4.36 28.17 4.85
N LEU A 519 -3.54 27.74 3.91
CA LEU A 519 -3.75 26.47 3.22
C LEU A 519 -3.54 25.26 4.14
N HIS A 520 -2.83 25.41 5.25
CA HIS A 520 -2.63 24.29 6.15
C HIS A 520 -3.83 24.09 7.09
N LYS A 521 -4.74 25.06 7.08
CA LYS A 521 -5.99 24.98 7.84
C LYS A 521 -7.20 24.64 6.93
N CYS A 522 -7.06 24.87 5.61
CA CYS A 522 -8.05 24.62 4.57
C CYS A 522 -8.35 23.13 4.36
N ASP A 523 -9.63 22.80 4.29
CA ASP A 523 -10.07 21.45 3.93
C ASP A 523 -10.89 21.51 2.65
N ILE A 524 -11.04 20.37 1.96
CA ILE A 524 -11.80 20.35 0.71
C ILE A 524 -13.19 19.73 0.84
N SER A 525 -13.45 19.00 1.92
CA SER A 525 -14.74 18.36 2.10
C SER A 525 -15.83 19.39 2.41
N ASN A 526 -17.13 19.04 2.24
CA ASN A 526 -18.28 19.86 2.47
C ASN A 526 -18.26 21.13 1.52
N SER A 527 -17.73 20.92 0.31
CA SER A 527 -17.64 21.91 -0.76
C SER A 527 -17.84 21.17 -2.07
N THR A 528 -19.09 21.01 -2.46
CA THR A 528 -19.42 20.20 -3.62
C THR A 528 -19.03 20.91 -4.91
N GLU A 529 -18.81 22.22 -4.84
CA GLU A 529 -18.32 22.97 -5.98
C GLU A 529 -16.88 22.56 -6.30
N ALA A 530 -16.07 22.41 -5.25
CA ALA A 530 -14.69 21.99 -5.39
C ALA A 530 -14.65 20.54 -5.88
N GLY A 531 -15.61 19.74 -5.39
CA GLY A 531 -15.73 18.34 -5.79
C GLY A 531 -16.02 18.22 -7.28
N LYS A 532 -17.00 18.99 -7.75
CA LYS A 532 -17.38 18.97 -9.15
C LYS A 532 -16.22 19.42 -10.04
N LYS A 533 -15.53 20.48 -9.65
CA LYS A 533 -14.44 20.98 -10.47
C LYS A 533 -13.34 19.91 -10.57
N LEU A 534 -13.07 19.25 -9.45
CA LEU A 534 -12.05 18.21 -9.44
C LEU A 534 -12.56 17.05 -10.30
N LYS A 535 -13.86 16.73 -10.24
CA LYS A 535 -14.39 15.66 -11.08
C LYS A 535 -14.08 15.91 -12.55
N ASP A 536 -14.37 17.12 -13.02
CA ASP A 536 -14.15 17.45 -14.43
C ASP A 536 -12.73 17.24 -14.94
N MET A 537 -11.73 17.54 -14.10
CA MET A 537 -10.36 17.35 -14.53
C MET A 537 -9.95 15.88 -14.50
N LEU A 538 -10.31 15.17 -13.43
CA LEU A 538 -9.90 13.78 -13.27
C LEU A 538 -10.42 12.90 -14.42
N GLU A 539 -11.62 13.21 -14.89
CA GLU A 539 -12.29 12.48 -15.96
C GLU A 539 -11.52 12.48 -17.29
N LEU A 540 -10.71 13.51 -17.53
CA LEU A 540 -10.03 13.70 -18.81
C LEU A 540 -9.00 12.63 -19.18
N GLY A 541 -8.26 12.15 -18.20
CA GLY A 541 -7.19 11.19 -18.48
C GLY A 541 -6.19 11.80 -19.45
N LYS A 542 -5.82 11.06 -20.50
CA LYS A 542 -4.89 11.56 -21.52
C LYS A 542 -5.58 12.00 -22.81
N SER A 543 -6.89 12.22 -22.77
CA SER A 543 -7.60 12.69 -23.96
C SER A 543 -7.25 14.15 -24.28
N LYS A 544 -6.68 14.85 -23.29
CA LYS A 544 -6.28 16.24 -23.44
C LYS A 544 -4.87 16.44 -22.87
N PRO A 545 -4.13 17.46 -23.33
CA PRO A 545 -2.84 17.87 -22.81
C PRO A 545 -2.94 18.15 -21.31
N TRP A 546 -1.87 17.84 -20.57
CA TRP A 546 -1.88 18.09 -19.13
C TRP A 546 -1.98 19.57 -18.83
N THR A 547 -1.63 20.42 -19.81
CA THR A 547 -1.73 21.86 -19.62
C THR A 547 -3.20 22.26 -19.61
N TYR A 548 -4.03 21.51 -20.34
CA TYR A 548 -5.47 21.72 -20.34
C TYR A 548 -6.02 21.25 -19.01
N ALA A 549 -5.62 20.05 -18.63
CA ALA A 549 -6.09 19.45 -17.39
C ALA A 549 -5.69 20.32 -16.20
N LEU A 550 -4.51 20.93 -16.25
CA LEU A 550 -4.07 21.80 -15.17
C LEU A 550 -4.93 23.05 -15.13
N ASN A 551 -5.17 23.64 -16.31
CA ASN A 551 -5.98 24.86 -16.40
C ASN A 551 -7.38 24.65 -15.82
N GLN A 552 -7.93 23.46 -16.01
CA GLN A 552 -9.27 23.16 -15.51
C GLN A 552 -9.38 23.32 -14.01
N ILE A 553 -8.27 23.24 -13.28
CA ILE A 553 -8.29 23.41 -11.83
C ILE A 553 -7.66 24.75 -11.43
N ALA A 554 -6.41 24.95 -11.84
CA ALA A 554 -5.59 26.07 -11.38
C ALA A 554 -5.63 27.29 -12.31
N ARG A 555 -6.35 27.20 -13.42
CA ARG A 555 -6.44 28.28 -14.40
C ARG A 555 -5.07 28.76 -14.91
N THR A 556 -4.14 27.82 -15.11
CA THR A 556 -2.83 28.16 -15.62
C THR A 556 -2.40 27.15 -16.67
N LYS A 557 -1.32 27.45 -17.38
CA LYS A 557 -0.81 26.53 -18.39
C LYS A 557 0.40 25.73 -17.89
N GLU A 558 1.17 26.32 -16.97
CA GLU A 558 2.43 25.72 -16.54
C GLU A 558 2.46 25.43 -15.03
N MET A 559 3.59 24.86 -14.60
CA MET A 559 3.86 24.58 -13.20
C MET A 559 4.08 25.90 -12.45
N ASP A 560 3.69 25.97 -11.18
CA ASP A 560 3.81 27.19 -10.40
C ASP A 560 4.11 26.90 -8.92
N ALA A 561 5.24 27.40 -8.44
CA ALA A 561 5.66 27.15 -7.06
C ALA A 561 4.98 28.10 -6.07
N LYS A 562 4.32 29.14 -6.55
CA LYS A 562 3.76 30.12 -5.62
C LYS A 562 2.86 29.50 -4.53
N PRO A 563 1.91 28.59 -4.86
CA PRO A 563 1.06 27.86 -3.92
C PRO A 563 1.84 27.13 -2.82
N LEU A 564 3.05 26.66 -3.14
CA LEU A 564 3.88 25.97 -2.15
C LEU A 564 4.41 26.96 -1.15
N LEU A 565 4.89 28.08 -1.67
CA LEU A 565 5.47 29.12 -0.85
C LEU A 565 4.38 29.71 0.04
N ASN A 566 3.17 29.79 -0.50
CA ASN A 566 1.99 30.26 0.22
C ASN A 566 1.71 29.32 1.41
N TYR A 567 1.64 28.03 1.14
CA TYR A 567 1.38 27.04 2.19
C TYR A 567 2.35 27.23 3.36
N PHE A 568 3.63 27.43 3.05
CA PHE A 568 4.65 27.57 4.06
C PHE A 568 4.97 29.03 4.40
N GLU A 569 4.15 29.98 3.95
CA GLU A 569 4.40 31.38 4.23
C GLU A 569 4.72 31.72 5.70
N PRO A 570 3.90 31.32 6.71
CA PRO A 570 4.18 31.54 8.11
C PRO A 570 5.41 30.78 8.62
N LEU A 571 5.78 29.68 7.95
CA LEU A 571 6.98 28.95 8.35
C LEU A 571 8.21 29.74 7.91
N PHE A 572 8.13 30.29 6.70
CA PHE A 572 9.19 31.08 6.09
C PHE A 572 9.50 32.27 6.98
N SER A 573 8.45 32.95 7.44
CA SER A 573 8.63 34.11 8.31
C SER A 573 9.30 33.72 9.64
N TRP A 574 8.86 32.61 10.23
CA TRP A 574 9.48 32.13 11.46
C TRP A 574 10.94 31.76 11.24
N LEU A 575 11.23 31.09 10.13
CA LEU A 575 12.61 30.70 9.84
C LEU A 575 13.50 31.94 9.70
N LYS A 576 13.01 33.01 9.08
CA LYS A 576 13.82 34.24 9.01
C LYS A 576 14.23 34.71 10.41
N LYS A 577 13.28 34.69 11.34
CA LYS A 577 13.58 35.11 12.70
C LYS A 577 14.64 34.23 13.36
N GLN A 578 14.63 32.94 13.02
CA GLN A 578 15.60 32.00 13.59
C GLN A 578 16.95 32.01 12.90
N ASN A 579 16.96 32.30 11.60
CA ASN A 579 18.18 32.19 10.80
C ASN A 579 19.01 33.46 10.72
N GLY A 580 18.37 34.63 10.72
CA GLY A 580 19.13 35.85 10.63
C GLY A 580 19.93 35.92 9.34
N ASN A 581 21.25 36.02 9.47
CA ASN A 581 22.15 36.12 8.33
C ASN A 581 22.81 34.80 7.98
N SER A 582 22.32 33.72 8.58
CA SER A 582 22.87 32.37 8.36
C SER A 582 22.20 31.68 7.18
N VAL A 583 21.24 32.35 6.57
CA VAL A 583 20.44 31.83 5.47
C VAL A 583 21.32 31.46 4.27
N GLY A 584 21.08 30.28 3.69
CA GLY A 584 21.91 29.80 2.59
C GLY A 584 23.08 29.00 3.16
N TRP A 585 24.13 28.81 2.34
CA TRP A 585 25.28 28.01 2.77
C TRP A 585 26.51 28.31 1.94
N SER A 586 27.68 27.91 2.47
CA SER A 586 28.93 28.00 1.72
C SER A 586 29.30 26.68 1.09
N ALA A 587 29.41 26.69 -0.23
CA ALA A 587 29.70 25.48 -1.00
C ALA A 587 31.19 25.15 -0.96
N ASP A 588 31.97 25.99 -0.29
CA ASP A 588 33.42 25.80 -0.20
C ASP A 588 33.81 24.97 1.02
N TRP A 589 32.83 24.64 1.85
CA TRP A 589 33.08 23.87 3.07
C TRP A 589 33.02 22.36 2.80
N SER A 590 33.91 21.61 3.45
CA SER A 590 33.91 20.15 3.38
C SER A 590 34.68 19.57 4.56
N PRO A 591 34.17 18.55 5.28
CA PRO A 591 34.81 17.93 6.45
C PRO A 591 36.24 17.52 6.16
N TYR A 592 36.49 17.04 4.93
CA TYR A 592 37.82 16.58 4.55
C TYR A 592 38.84 17.72 4.53
N SER A 593 38.36 18.94 4.29
CA SER A 593 39.22 20.10 4.17
C SER A 593 39.52 20.72 5.54
N GLU A 594 38.89 20.20 6.59
CA GLU A 594 39.06 20.74 7.93
C GLU A 594 40.52 20.61 8.44
N GLN A 595 41.21 19.52 8.07
CA GLN A 595 42.59 19.24 8.47
C GLN A 595 43.27 18.40 7.39
N CYS B 7 -39.24 -40.47 27.19
CA CYS B 7 -38.23 -39.85 26.36
C CYS B 7 -37.42 -40.93 25.64
N ASN B 8 -37.30 -40.82 24.32
CA ASN B 8 -36.56 -41.83 23.57
C ASN B 8 -35.12 -41.40 23.22
N PHE B 9 -34.14 -42.00 23.89
CA PHE B 9 -32.75 -41.63 23.72
C PHE B 9 -31.98 -42.62 22.81
N THR B 10 -32.70 -43.48 22.09
CA THR B 10 -32.04 -44.46 21.22
C THR B 10 -31.03 -43.81 20.29
N ASP B 11 -31.42 -42.66 19.73
CA ASP B 11 -30.61 -41.95 18.77
C ASP B 11 -29.29 -41.42 19.33
N LEU B 12 -29.14 -41.41 20.65
CA LEU B 12 -27.91 -40.90 21.24
C LEU B 12 -26.79 -41.94 21.15
N PHE B 13 -27.14 -43.22 21.13
CA PHE B 13 -26.14 -44.29 21.07
C PHE B 13 -26.38 -45.18 19.84
N ARG B 14 -26.93 -44.56 18.81
CA ARG B 14 -27.27 -45.21 17.55
C ARG B 14 -26.08 -45.26 16.61
N GLU B 15 -26.19 -46.08 15.57
CA GLU B 15 -25.10 -46.34 14.64
C GLU B 15 -24.49 -45.13 13.96
N ASN B 16 -25.30 -44.14 13.61
CA ASN B 16 -24.81 -43.01 12.83
C ASN B 16 -24.24 -41.87 13.67
N ALA B 17 -23.07 -42.12 14.25
CA ALA B 17 -22.36 -41.12 15.04
C ALA B 17 -22.01 -39.91 14.15
N PRO B 18 -22.44 -38.69 14.47
CA PRO B 18 -22.21 -37.48 13.71
C PRO B 18 -20.83 -36.88 13.92
N THR B 19 -20.48 -35.99 13.00
CA THR B 19 -19.29 -35.16 13.09
C THR B 19 -19.69 -33.86 13.78
N ILE B 20 -18.73 -33.02 14.15
CA ILE B 20 -19.14 -31.78 14.82
C ILE B 20 -19.66 -30.77 13.81
N MET B 21 -18.99 -30.68 12.66
CA MET B 21 -19.41 -29.74 11.61
C MET B 21 -20.90 -29.89 11.32
N GLN B 22 -21.39 -31.10 11.38
CA GLN B 22 -22.82 -31.35 11.20
C GLN B 22 -23.37 -32.15 12.39
N TYR B 23 -23.14 -31.65 13.62
CA TYR B 23 -23.60 -32.35 14.83
C TYR B 23 -25.10 -32.41 14.94
N LYS B 24 -25.59 -33.36 15.74
CA LYS B 24 -27.01 -33.56 15.90
C LYS B 24 -27.48 -33.21 17.29
N ARG B 25 -28.75 -32.82 17.40
CA ARG B 25 -29.34 -32.61 18.70
C ARG B 25 -30.80 -32.98 18.70
N GLN B 26 -31.30 -33.34 19.88
CA GLN B 26 -32.70 -33.68 20.07
C GLN B 26 -33.28 -33.01 21.31
N VAL B 27 -34.40 -32.33 21.13
CA VAL B 27 -35.09 -31.71 22.25
C VAL B 27 -36.21 -32.62 22.72
N PHE B 28 -36.26 -32.81 24.03
CA PHE B 28 -37.24 -33.64 24.68
C PHE B 28 -38.21 -32.75 25.44
N THR B 29 -39.48 -33.12 25.40
CA THR B 29 -40.53 -32.39 26.10
C THR B 29 -41.69 -33.32 26.38
N ARG B 30 -42.41 -33.05 27.47
CA ARG B 30 -43.61 -33.83 27.80
C ARG B 30 -43.37 -35.34 27.76
N CYS B 31 -42.31 -35.82 28.46
CA CYS B 31 -41.91 -37.22 28.49
C CYS B 31 -41.18 -37.59 29.77
N ASN B 32 -41.03 -38.91 29.99
CA ASN B 32 -40.36 -39.46 31.16
C ASN B 32 -38.95 -40.00 30.88
N TYR B 33 -37.92 -39.36 31.47
CA TYR B 33 -36.51 -39.69 31.27
C TYR B 33 -35.99 -40.45 32.49
N THR B 36 -30.24 -42.13 34.43
CA THR B 36 -29.42 -43.17 35.02
C THR B 36 -29.04 -44.24 33.97
N LEU B 37 -30.03 -44.69 33.17
CA LEU B 37 -29.84 -45.73 32.15
C LEU B 37 -28.88 -45.32 31.05
N LEU B 38 -28.97 -44.06 30.63
CA LEU B 38 -28.10 -43.58 29.56
C LEU B 38 -26.64 -43.70 29.99
N LEU B 39 -26.38 -43.47 31.28
CA LEU B 39 -25.04 -43.53 31.83
C LEU B 39 -24.61 -44.98 32.06
N SER B 40 -25.55 -45.86 32.33
CA SER B 40 -25.27 -47.30 32.48
C SER B 40 -24.90 -47.94 31.15
N LEU B 41 -25.59 -47.53 30.07
CA LEU B 41 -25.40 -48.07 28.73
C LEU B 41 -24.02 -47.79 28.12
N VAL B 42 -23.40 -46.68 28.48
CA VAL B 42 -22.10 -46.33 27.92
C VAL B 42 -21.06 -46.24 29.04
N GLN B 43 -19.77 -46.21 28.69
CA GLN B 43 -18.77 -46.09 29.76
C GLN B 43 -18.32 -44.65 29.88
N VAL B 44 -18.54 -44.07 31.05
CA VAL B 44 -18.18 -42.68 31.27
C VAL B 44 -16.74 -42.54 31.76
N ASP B 45 -16.02 -41.58 31.18
CA ASP B 45 -14.63 -41.31 31.55
C ASP B 45 -14.53 -40.11 32.47
N GLU B 46 -15.40 -39.12 32.26
CA GLU B 46 -15.35 -37.87 33.03
C GLU B 46 -16.70 -37.15 33.04
N PHE B 47 -16.92 -36.32 34.07
CA PHE B 47 -18.11 -35.48 34.19
C PHE B 47 -17.77 -34.00 34.44
N VAL B 48 -18.23 -33.08 33.55
CA VAL B 48 -17.99 -31.63 33.71
C VAL B 48 -19.27 -30.88 33.33
N LYS B 51 -22.32 -25.72 34.95
CA LYS B 51 -22.54 -25.13 36.26
C LYS B 51 -23.39 -26.06 37.17
N ILE B 52 -24.39 -26.74 36.59
CA ILE B 52 -25.28 -27.66 37.32
C ILE B 52 -24.59 -28.98 37.67
N THR B 53 -24.78 -29.42 38.90
CA THR B 53 -24.24 -30.69 39.40
C THR B 53 -24.90 -31.83 38.60
N PRO B 54 -24.14 -32.80 38.06
CA PRO B 54 -24.68 -33.87 37.22
C PRO B 54 -25.71 -34.72 37.95
N GLU B 55 -25.63 -34.76 39.28
CA GLU B 55 -26.61 -35.49 40.07
C GLU B 55 -27.90 -34.69 40.13
N ALA B 56 -27.79 -33.37 40.07
CA ALA B 56 -28.95 -32.50 40.07
C ALA B 56 -29.59 -32.53 38.68
N LEU B 57 -28.75 -32.69 37.65
CA LEU B 57 -29.20 -32.81 36.26
C LEU B 57 -29.97 -34.11 36.05
N ALA B 58 -29.45 -35.19 36.66
CA ALA B 58 -29.99 -36.53 36.51
C ALA B 58 -31.45 -36.67 36.98
N THR B 59 -31.90 -35.82 37.91
CA THR B 59 -33.28 -35.90 38.42
C THR B 59 -34.00 -34.55 38.45
N GLY B 60 -35.32 -34.60 38.59
CA GLY B 60 -36.13 -33.39 38.71
C GLY B 60 -36.85 -33.04 37.41
N CYS B 61 -37.80 -32.12 37.49
CA CYS B 61 -38.65 -31.72 36.35
C CYS B 61 -38.14 -30.46 35.68
N TYR B 62 -38.01 -30.48 34.38
CA TYR B 62 -37.53 -29.37 33.58
C TYR B 62 -38.57 -28.87 32.58
N SER B 63 -38.49 -27.61 32.21
CA SER B 63 -39.38 -27.12 31.16
C SER B 63 -39.09 -27.89 29.90
N SER B 64 -37.79 -28.02 29.61
CA SER B 64 -37.32 -28.73 28.42
C SER B 64 -35.89 -29.26 28.61
N LEU B 65 -35.58 -30.37 27.95
CA LEU B 65 -34.24 -30.96 28.00
C LEU B 65 -33.68 -31.11 26.59
N THR B 66 -32.52 -30.51 26.33
CA THR B 66 -31.96 -30.61 24.99
C THR B 66 -30.55 -31.17 25.04
N VAL B 67 -30.32 -32.22 24.25
CA VAL B 67 -29.02 -32.85 24.19
C VAL B 67 -28.43 -32.87 22.81
N ASP B 68 -27.17 -32.46 22.72
CA ASP B 68 -26.44 -32.51 21.47
C ASP B 68 -25.31 -33.52 21.60
N TRP B 69 -24.91 -34.12 20.49
CA TRP B 69 -23.80 -35.04 20.57
C TRP B 69 -22.98 -35.10 19.30
N PHE B 70 -21.71 -35.44 19.48
CA PHE B 70 -20.77 -35.55 18.38
C PHE B 70 -19.52 -36.35 18.74
N ALA B 71 -18.86 -36.88 17.72
CA ALA B 71 -17.58 -37.54 17.91
C ALA B 71 -16.52 -36.52 18.33
N PHE B 72 -15.65 -36.89 19.27
CA PHE B 72 -14.57 -35.99 19.70
C PHE B 72 -13.58 -36.72 20.62
N PRO B 73 -12.26 -36.72 20.31
CA PRO B 73 -11.21 -37.35 21.09
C PRO B 73 -11.20 -36.86 22.54
N TYR B 74 -11.04 -37.78 23.49
CA TYR B 74 -10.98 -37.40 24.91
C TYR B 74 -9.80 -36.50 25.19
N ALA B 75 -8.69 -36.79 24.53
CA ALA B 75 -7.45 -36.05 24.71
C ALA B 75 -7.60 -34.58 24.32
N TRP B 76 -8.63 -34.27 23.54
CA TRP B 76 -8.86 -32.92 23.05
C TRP B 76 -9.78 -32.10 23.97
N LYS B 77 -10.20 -32.69 25.08
CA LYS B 77 -11.15 -32.07 26.01
C LYS B 77 -10.60 -30.78 26.61
N SER B 78 -9.29 -30.64 26.62
CA SER B 78 -8.62 -29.48 27.20
C SER B 78 -9.17 -28.16 26.66
N TYR B 79 -9.49 -28.12 25.36
CA TYR B 79 -9.95 -26.86 24.76
C TYR B 79 -11.42 -26.87 24.31
N LEU B 80 -12.21 -27.79 24.86
CA LEU B 80 -13.65 -27.83 24.57
C LEU B 80 -14.40 -27.00 25.62
N ALA B 81 -13.67 -26.68 26.70
CA ALA B 81 -14.17 -25.98 27.88
C ALA B 81 -14.26 -24.47 27.69
N ILE B 82 -15.04 -23.84 28.56
CA ILE B 82 -15.20 -22.39 28.56
C ILE B 82 -13.88 -21.72 28.90
N GLY B 83 -13.57 -20.66 28.17
CA GLY B 83 -12.33 -19.94 28.34
C GLY B 83 -11.39 -20.23 27.18
N SER B 84 -11.68 -21.31 26.44
CA SER B 84 -10.93 -21.70 25.26
C SER B 84 -11.25 -20.76 24.10
N ALA B 85 -10.23 -20.45 23.29
CA ALA B 85 -10.42 -19.64 22.08
C ALA B 85 -9.90 -20.40 20.87
N ASP B 86 -9.93 -21.73 20.98
CA ASP B 86 -9.46 -22.63 19.93
C ASP B 86 -10.36 -22.60 18.70
N ARG B 87 -9.86 -23.17 17.60
CA ARG B 87 -10.62 -23.21 16.34
C ARG B 87 -11.80 -24.17 16.52
N ILE B 88 -11.61 -25.07 17.48
CA ILE B 88 -12.58 -26.07 17.88
C ILE B 88 -13.70 -25.43 18.71
N VAL B 89 -13.56 -24.15 19.03
CA VAL B 89 -14.63 -23.44 19.68
C VAL B 89 -15.30 -22.45 18.72
N ARG B 90 -14.52 -21.62 18.04
CA ARG B 90 -15.09 -20.56 17.21
C ARG B 90 -15.62 -21.00 15.83
N PHE B 91 -15.01 -21.99 15.16
CA PHE B 91 -15.51 -22.43 13.85
C PHE B 91 -16.08 -23.83 13.92
N ASN B 92 -16.26 -24.32 15.12
CA ASN B 92 -16.67 -25.69 15.34
C ASN B 92 -17.91 -25.74 16.21
N TYR B 93 -17.74 -25.86 17.53
CA TYR B 93 -18.94 -25.86 18.38
C TYR B 93 -18.78 -24.91 19.54
N ASN B 94 -19.62 -23.91 19.57
CA ASN B 94 -19.62 -22.93 20.64
C ASN B 94 -20.70 -23.33 21.64
N GLN B 95 -20.30 -23.94 22.74
CA GLN B 95 -21.29 -24.42 23.70
C GLN B 95 -21.94 -23.25 24.40
N ASP B 96 -23.27 -23.29 24.57
CA ASP B 96 -23.94 -22.24 25.31
C ASP B 96 -23.89 -22.57 26.80
N TYR B 97 -23.89 -21.55 27.63
CA TYR B 97 -23.82 -21.73 29.08
C TYR B 97 -24.97 -21.04 29.82
N SER B 98 -25.87 -20.43 29.06
CA SER B 98 -26.96 -19.62 29.63
C SER B 98 -28.03 -20.40 30.39
N ASN B 99 -28.13 -21.70 30.16
CA ASN B 99 -29.15 -22.51 30.80
C ASN B 99 -28.59 -23.79 31.44
N PRO B 100 -27.98 -23.75 32.67
CA PRO B 100 -27.40 -24.88 33.39
C PRO B 100 -28.29 -26.14 33.34
N ARG B 103 -21.87 -31.71 30.38
CA ARG B 103 -20.86 -32.21 29.45
C ARG B 103 -20.29 -33.54 29.95
N ILE B 104 -20.67 -34.66 29.33
CA ILE B 104 -20.21 -36.00 29.72
C ILE B 104 -19.32 -36.58 28.64
N HIS B 105 -18.12 -36.98 29.04
CA HIS B 105 -17.17 -37.58 28.12
C HIS B 105 -17.23 -39.07 28.31
N SER B 106 -17.52 -39.80 27.23
CA SER B 106 -17.73 -41.22 27.33
C SER B 106 -17.26 -41.97 26.11
N LYS B 107 -17.17 -43.30 26.26
CA LYS B 107 -16.81 -44.19 25.18
C LYS B 107 -17.90 -45.25 25.03
N VAL B 108 -18.10 -45.72 23.81
CA VAL B 108 -19.16 -46.63 23.49
C VAL B 108 -18.66 -47.98 22.99
N ASN B 109 -19.07 -49.05 23.65
CA ASN B 109 -18.68 -50.44 23.33
C ASN B 109 -19.13 -50.84 21.94
N SER B 110 -18.29 -51.63 21.24
CA SER B 110 -18.55 -52.12 19.88
C SER B 110 -19.76 -53.07 19.84
N SER B 111 -20.18 -53.52 21.02
CA SER B 111 -21.35 -54.38 21.15
C SER B 111 -22.64 -53.60 20.91
N VAL B 112 -22.54 -52.27 20.92
CA VAL B 112 -23.67 -51.40 20.67
C VAL B 112 -23.53 -50.91 19.25
N GLY B 113 -24.58 -51.05 18.44
CA GLY B 113 -24.54 -50.63 17.02
C GLY B 113 -24.00 -49.20 17.12
N ILE B 114 -22.75 -49.02 16.70
CA ILE B 114 -22.08 -47.70 16.64
C ILE B 114 -21.26 -48.11 15.41
N SER B 115 -21.66 -47.67 14.23
CA SER B 115 -20.97 -48.00 13.01
C SER B 115 -19.73 -47.14 12.84
N TYR B 116 -19.89 -45.84 13.08
CA TYR B 116 -18.81 -44.86 12.99
C TYR B 116 -18.10 -44.90 11.64
N SER B 117 -18.91 -45.05 10.58
CA SER B 117 -18.41 -45.07 9.22
C SER B 117 -18.12 -43.68 8.68
N GLY B 118 -17.39 -43.61 7.57
CA GLY B 118 -17.12 -42.32 6.93
C GLY B 118 -15.95 -41.61 7.58
N LEU B 119 -15.76 -40.35 7.21
CA LEU B 119 -14.64 -39.58 7.75
C LEU B 119 -15.15 -38.52 8.72
N TYR B 120 -14.40 -38.29 9.78
CA TYR B 120 -14.74 -37.34 10.81
C TYR B 120 -13.82 -36.14 10.79
N SER B 121 -14.40 -34.97 10.50
CA SER B 121 -13.62 -33.74 10.32
C SER B 121 -14.19 -32.54 11.03
N TYR B 122 -13.42 -31.44 10.97
CA TYR B 122 -13.78 -30.17 11.54
C TYR B 122 -13.19 -29.02 10.72
N ILE B 123 -13.81 -27.84 10.86
CA ILE B 123 -13.37 -26.60 10.22
C ILE B 123 -12.29 -25.91 11.05
N THR B 124 -11.23 -25.44 10.39
CA THR B 124 -10.15 -24.76 11.12
C THR B 124 -10.16 -23.28 10.85
N ASN B 125 -10.60 -22.90 9.66
CA ASN B 125 -10.66 -21.50 9.26
C ASN B 125 -11.90 -21.25 8.40
N CYS B 126 -12.55 -20.08 8.57
CA CYS B 126 -13.67 -19.65 7.74
C CYS B 126 -13.89 -18.14 7.84
N ASN B 127 -13.58 -17.38 6.81
CA ASN B 127 -13.79 -15.93 6.89
C ASN B 127 -14.25 -15.38 5.55
N TYR B 128 -14.65 -14.11 5.53
CA TYR B 128 -15.15 -13.52 4.29
C TYR B 128 -15.07 -11.99 4.17
N GLY B 129 -15.25 -11.53 2.94
CA GLY B 129 -15.33 -10.10 2.63
C GLY B 129 -13.94 -9.47 2.57
N GLY B 130 -13.86 -8.15 2.34
CA GLY B 130 -12.56 -7.51 2.20
C GLY B 130 -11.82 -7.34 3.51
N PHE B 131 -12.50 -7.58 4.64
CA PHE B 131 -11.87 -7.43 5.94
C PHE B 131 -11.55 -8.75 6.60
N ASN B 132 -11.69 -9.86 5.87
CA ASN B 132 -11.35 -11.17 6.41
C ASN B 132 -12.04 -11.38 7.75
N LYS B 133 -13.34 -11.12 7.80
CA LYS B 133 -14.09 -11.23 9.05
C LYS B 133 -14.39 -12.69 9.35
N ASP B 134 -14.09 -13.11 10.56
CA ASP B 134 -14.29 -14.50 10.97
C ASP B 134 -15.76 -14.84 11.13
N ASP B 135 -16.21 -15.88 10.42
CA ASP B 135 -17.61 -16.26 10.52
C ASP B 135 -17.75 -17.23 11.70
N VAL B 136 -17.70 -16.65 12.89
CA VAL B 136 -17.71 -17.41 14.15
C VAL B 136 -19.10 -17.88 14.54
N VAL B 137 -19.15 -19.03 15.18
CA VAL B 137 -20.38 -19.68 15.61
C VAL B 137 -21.00 -19.05 16.83
N LYS B 138 -22.31 -18.76 16.75
CA LYS B 138 -23.03 -18.23 17.90
C LYS B 138 -23.23 -19.39 18.87
N PRO B 139 -23.27 -19.17 20.19
CA PRO B 139 -23.48 -20.20 21.18
C PRO B 139 -24.72 -21.01 20.85
N GLY B 140 -24.56 -22.34 20.82
CA GLY B 140 -25.70 -23.22 20.46
C GLY B 140 -25.95 -23.21 18.97
N GLY B 141 -25.06 -22.57 18.20
CA GLY B 141 -25.22 -22.50 16.73
C GLY B 141 -24.21 -23.24 15.89
N ARG B 142 -24.68 -23.93 14.85
CA ARG B 142 -23.74 -24.65 13.93
C ARG B 142 -22.88 -23.76 13.05
N ALA B 143 -21.83 -24.31 12.41
CA ALA B 143 -20.93 -23.49 11.57
C ALA B 143 -21.87 -23.08 10.43
N SER B 144 -21.62 -21.91 9.84
CA SER B 144 -22.47 -21.40 8.73
C SER B 144 -22.40 -22.37 7.54
N GLN B 145 -23.47 -22.47 6.76
CA GLN B 145 -23.48 -23.34 5.56
C GLN B 145 -22.33 -22.93 4.64
N PRO B 146 -22.13 -21.63 4.31
CA PRO B 146 -20.99 -21.21 3.50
C PRO B 146 -19.71 -21.87 4.05
N CYS B 147 -19.60 -21.95 5.38
CA CYS B 147 -18.43 -22.58 5.99
C CYS B 147 -18.48 -24.09 5.79
N VAL B 148 -19.68 -24.64 5.89
CA VAL B 148 -19.84 -26.06 5.74
C VAL B 148 -19.53 -26.47 4.31
N THR B 149 -20.06 -25.71 3.35
CA THR B 149 -19.84 -26.03 1.93
C THR B 149 -18.38 -25.91 1.57
N GLY B 150 -17.72 -24.84 2.00
CA GLY B 150 -16.30 -24.67 1.69
C GLY B 150 -15.49 -25.81 2.29
N ALA B 151 -15.82 -26.21 3.52
CA ALA B 151 -15.11 -27.31 4.15
C ALA B 151 -15.33 -28.61 3.40
N LEU B 152 -16.54 -28.87 2.93
CA LEU B 152 -16.81 -30.10 2.18
C LEU B 152 -15.99 -30.15 0.89
N ASN B 153 -15.73 -28.99 0.30
CA ASN B 153 -14.96 -28.92 -0.93
C ASN B 153 -13.46 -28.64 -0.67
N SER B 154 -13.05 -28.62 0.60
CA SER B 154 -11.65 -28.40 0.96
C SER B 154 -10.82 -29.66 0.71
N PRO B 155 -9.51 -29.54 0.48
CA PRO B 155 -8.57 -30.61 0.20
C PRO B 155 -8.31 -31.55 1.39
N THR B 156 -8.71 -31.11 2.59
CA THR B 156 -8.56 -31.90 3.83
C THR B 156 -7.10 -31.97 4.32
N ASN B 157 -6.21 -31.25 3.64
CA ASN B 157 -4.80 -31.20 4.02
C ASN B 157 -4.47 -29.95 4.84
N GLY B 158 -5.46 -29.10 5.04
CA GLY B 158 -5.30 -27.86 5.81
C GLY B 158 -5.06 -26.63 4.92
N GLN B 159 -4.83 -26.85 3.63
CA GLN B 159 -4.62 -25.74 2.71
C GLN B 159 -5.89 -24.90 2.58
N VAL B 160 -5.73 -23.59 2.61
CA VAL B 160 -6.89 -22.70 2.53
C VAL B 160 -7.27 -22.43 1.09
N TRP B 161 -8.53 -22.74 0.75
CA TRP B 161 -9.06 -22.55 -0.59
C TRP B 161 -10.06 -21.40 -0.67
N SER B 162 -10.11 -20.78 -1.85
CA SER B 162 -11.08 -19.73 -2.14
C SER B 162 -12.40 -20.27 -2.69
N PHE B 163 -13.49 -19.78 -2.11
CA PHE B 163 -14.84 -20.12 -2.48
C PHE B 163 -15.69 -18.87 -2.65
N ASN B 164 -16.77 -18.94 -3.40
CA ASN B 164 -17.65 -17.76 -3.54
C ASN B 164 -19.12 -18.15 -3.40
N PHE B 165 -19.75 -17.63 -2.35
CA PHE B 165 -21.13 -18.00 -2.02
C PHE B 165 -22.06 -16.80 -2.04
N GLY B 166 -22.96 -16.75 -3.02
CA GLY B 166 -23.91 -15.65 -3.13
C GLY B 166 -23.23 -14.38 -3.63
N GLY B 167 -22.05 -14.53 -4.18
CA GLY B 167 -21.25 -13.42 -4.65
C GLY B 167 -20.19 -13.01 -3.63
N VAL B 168 -20.32 -13.47 -2.39
CA VAL B 168 -19.37 -13.12 -1.34
C VAL B 168 -18.21 -14.11 -1.29
N PRO B 169 -16.96 -13.65 -1.43
CA PRO B 169 -15.77 -14.47 -1.34
C PRO B 169 -15.53 -14.93 0.09
N TYR B 170 -15.21 -16.20 0.20
CA TYR B 170 -14.85 -16.90 1.43
C TYR B 170 -13.51 -17.60 1.34
N ARG B 171 -12.86 -17.76 2.49
CA ARG B 171 -11.64 -18.54 2.61
C ARG B 171 -11.88 -19.62 3.64
N THR B 172 -11.65 -20.89 3.27
CA THR B 172 -11.96 -21.99 4.18
C THR B 172 -10.92 -23.12 4.16
N SER B 173 -10.75 -23.78 5.31
CA SER B 173 -9.88 -24.94 5.42
C SER B 173 -10.42 -25.99 6.41
N ARG B 174 -10.12 -27.26 6.08
CA ARG B 174 -10.57 -28.44 6.84
C ARG B 174 -9.42 -29.40 7.21
N LEU B 175 -9.56 -30.02 8.40
CA LEU B 175 -8.69 -31.07 8.91
C LEU B 175 -9.51 -32.19 9.54
N THR B 176 -8.93 -33.39 9.64
CA THR B 176 -9.64 -34.52 10.22
C THR B 176 -9.09 -34.99 11.57
N TYR B 177 -9.88 -35.85 12.23
CA TYR B 177 -9.49 -36.54 13.45
C TYR B 177 -9.93 -38.00 13.34
N THR B 178 -9.86 -38.53 12.13
CA THR B 178 -10.33 -39.87 11.83
C THR B 178 -9.26 -40.91 12.10
N ASP B 179 -8.13 -40.45 12.64
CA ASP B 179 -7.05 -41.33 13.01
C ASP B 179 -7.24 -41.81 14.44
N HIS B 180 -8.09 -41.12 15.19
CA HIS B 180 -8.31 -41.46 16.59
C HIS B 180 -9.40 -42.54 16.71
N LEU B 181 -9.14 -43.68 16.12
CA LEU B 181 -10.14 -44.76 16.10
C LEU B 181 -9.74 -45.95 16.97
N LYS B 182 -10.47 -46.09 18.08
CA LYS B 182 -10.32 -47.19 19.02
C LYS B 182 -11.68 -47.89 19.03
N ASN B 183 -11.76 -49.17 19.37
CA ASN B 183 -13.08 -49.81 19.32
C ASN B 183 -14.16 -49.08 20.18
N PRO B 184 -13.85 -48.58 21.40
CA PRO B 184 -14.77 -47.77 22.23
C PRO B 184 -15.03 -46.37 21.66
N LEU B 185 -14.17 -45.91 20.77
CA LEU B 185 -14.24 -44.55 20.23
C LEU B 185 -14.25 -43.52 21.35
N ASP B 186 -14.37 -42.25 20.95
CA ASP B 186 -14.45 -41.13 21.88
C ASP B 186 -15.59 -40.22 21.47
N MET B 187 -16.59 -40.06 22.35
CA MET B 187 -17.76 -39.23 22.03
C MET B 187 -18.12 -38.28 23.17
N VAL B 188 -18.69 -37.14 22.82
CA VAL B 188 -19.11 -36.20 23.84
C VAL B 188 -20.60 -35.91 23.74
N TYR B 189 -21.26 -35.99 24.90
CA TYR B 189 -22.68 -35.72 25.01
C TYR B 189 -22.90 -34.52 25.92
N VAL B 190 -23.60 -33.52 25.42
CA VAL B 190 -23.84 -32.33 26.21
C VAL B 190 -25.32 -32.16 26.49
N ILE B 191 -25.67 -32.16 27.77
CA ILE B 191 -27.07 -32.04 28.15
C ILE B 191 -27.32 -30.70 28.81
N THR B 192 -28.26 -29.96 28.26
CA THR B 192 -28.62 -28.65 28.78
C THR B 192 -30.04 -28.70 29.30
N VAL B 193 -30.26 -28.28 30.53
CA VAL B 193 -31.61 -28.34 31.06
C VAL B 193 -32.21 -26.96 31.36
N LYS B 194 -33.42 -26.74 30.84
CA LYS B 194 -34.15 -25.51 31.07
C LYS B 194 -35.13 -25.73 32.20
N TYR B 195 -34.86 -25.09 33.33
CA TYR B 195 -35.60 -25.31 34.57
C TYR B 195 -36.66 -24.24 34.84
N GLU B 196 -37.01 -23.49 33.81
CA GLU B 196 -38.02 -22.46 33.93
C GLU B 196 -39.29 -23.01 34.59
N PRO B 197 -39.77 -22.42 35.70
CA PRO B 197 -40.99 -22.74 36.41
C PRO B 197 -42.21 -22.47 35.54
N GLY B 198 -43.30 -23.20 35.77
CA GLY B 198 -44.54 -22.97 35.03
C GLY B 198 -44.69 -23.96 33.86
N ALA B 199 -43.63 -24.71 33.60
CA ALA B 199 -43.63 -25.70 32.52
C ALA B 199 -43.41 -27.08 33.11
N GLU B 200 -42.16 -27.40 33.46
CA GLU B 200 -41.88 -28.66 34.12
C GLU B 200 -42.46 -29.86 33.38
N THR B 201 -42.11 -30.02 32.09
CA THR B 201 -42.74 -31.06 31.31
C THR B 201 -41.87 -32.31 31.18
N VAL B 202 -40.59 -32.19 31.48
CA VAL B 202 -39.66 -33.31 31.37
C VAL B 202 -39.27 -33.80 32.77
N CYS B 203 -39.79 -34.97 33.17
CA CYS B 203 -39.62 -35.54 34.52
C CYS B 203 -39.02 -36.94 34.41
N PRO B 204 -38.39 -37.46 35.45
CA PRO B 204 -37.92 -38.84 35.55
C PRO B 204 -39.07 -39.77 35.85
#